data_6KH2
#
_entry.id   6KH2
#
_cell.length_a   84.688
_cell.length_b   130.209
_cell.length_c   106.736
_cell.angle_alpha   90.000
_cell.angle_beta   103.505
_cell.angle_gamma   90.000
#
_symmetry.space_group_name_H-M   'P 1 21 1'
#
_entity_poly.entity_id   1
_entity_poly.type   'polypeptide(L)'
_entity_poly.pdbx_seq_one_letter_code
;MKSLQALFGGTFDPVHYGHLKKVETLANLIGLTRVTIIPNNVPPHRPQPEANSVQRKHMLELAIADKPLFTLDERELKRN
APSVTAQTLKEWRQEQGPDVPLAFIIGQDSLLTFPTWDEYETILDNAHLIVLRRPGYPLEMAQPQYQQWLEDHLTHNPED
LHLQPAGKIYLAETPYFNISATIIRERLQNGESCEDLLPEPVLTYINQQGLYR
;
_entity_poly.pdbx_strand_id   A,B,C,D,E,F
#
# COMPACT_ATOMS: atom_id res chain seq x y z
N MET A 1 -3.08 -11.51 30.60
CA MET A 1 -2.40 -12.70 30.10
C MET A 1 -0.93 -12.40 29.83
N LYS A 2 -0.30 -13.30 29.07
CA LYS A 2 1.06 -13.09 28.59
C LYS A 2 1.03 -12.61 27.14
N SER A 3 2.21 -12.26 26.64
CA SER A 3 2.32 -11.63 25.33
C SER A 3 2.01 -12.61 24.20
N LEU A 4 1.47 -12.08 23.12
CA LEU A 4 1.26 -12.87 21.91
C LEU A 4 2.59 -13.38 21.39
N GLN A 5 2.59 -14.64 20.92
CA GLN A 5 3.76 -15.27 20.33
C GLN A 5 3.45 -15.63 18.89
N ALA A 6 4.31 -15.21 17.97
CA ALA A 6 4.12 -15.44 16.54
C ALA A 6 5.06 -16.54 16.06
N LEU A 7 4.55 -17.38 15.15
CA LEU A 7 5.34 -18.41 14.50
C LEU A 7 5.50 -18.08 13.02
N PHE A 8 6.65 -18.46 12.47
CA PHE A 8 7.04 -18.01 11.13
C PHE A 8 7.95 -19.06 10.53
N GLY A 9 7.41 -19.84 9.58
CA GLY A 9 8.10 -20.99 9.03
C GLY A 9 8.63 -20.79 7.62
N GLY A 10 9.29 -21.83 7.14
CA GLY A 10 9.85 -21.85 5.81
C GLY A 10 10.97 -22.86 5.71
N THR A 11 11.46 -23.01 4.47
CA THR A 11 12.62 -23.86 4.25
C THR A 11 13.92 -23.17 4.67
N PHE A 12 14.07 -21.89 4.33
CA PHE A 12 15.24 -21.09 4.66
C PHE A 12 16.52 -21.70 4.07
N ASP A 13 16.57 -21.63 2.74
CA ASP A 13 17.68 -22.19 1.96
C ASP A 13 18.05 -21.21 0.85
N PRO A 14 18.70 -20.09 1.20
CA PRO A 14 19.10 -19.68 2.55
C PRO A 14 18.12 -18.70 3.20
N VAL A 15 18.27 -18.47 4.50
CA VAL A 15 17.58 -17.36 5.15
C VAL A 15 18.16 -16.05 4.63
N HIS A 16 17.30 -15.05 4.46
CA HIS A 16 17.74 -13.79 3.86
C HIS A 16 16.99 -12.63 4.49
N TYR A 17 17.40 -11.42 4.11
CA TYR A 17 16.82 -10.19 4.65
C TYR A 17 15.32 -10.10 4.40
N GLY A 18 14.81 -10.81 3.40
CA GLY A 18 13.37 -10.80 3.17
C GLY A 18 12.61 -11.33 4.36
N HIS A 19 13.01 -12.51 4.86
CA HIS A 19 12.36 -13.08 6.03
C HIS A 19 12.48 -12.16 7.24
N LEU A 20 13.68 -11.65 7.49
CA LEU A 20 13.93 -10.90 8.72
C LEU A 20 13.29 -9.52 8.67
N LYS A 21 13.67 -8.70 7.68
CA LYS A 21 13.19 -7.32 7.62
C LYS A 21 11.68 -7.25 7.51
N LYS A 22 11.06 -8.23 6.84
CA LYS A 22 9.60 -8.21 6.69
C LYS A 22 8.92 -8.42 8.04
N VAL A 23 9.44 -9.33 8.86
CA VAL A 23 8.79 -9.65 10.12
C VAL A 23 9.04 -8.57 11.17
N GLU A 24 10.26 -8.01 11.21
CA GLU A 24 10.52 -6.97 12.21
C GLU A 24 9.89 -5.62 11.84
N THR A 25 9.56 -5.39 10.57
CA THR A 25 8.73 -4.23 10.24
C THR A 25 7.29 -4.48 10.65
N LEU A 26 6.81 -5.72 10.51
CA LEU A 26 5.50 -6.09 11.03
C LEU A 26 5.40 -5.80 12.52
N ALA A 27 6.40 -6.26 13.28
CA ALA A 27 6.35 -6.14 14.74
C ALA A 27 6.38 -4.69 15.22
N ASN A 28 6.87 -3.76 14.39
CA ASN A 28 6.87 -2.35 14.75
C ASN A 28 5.52 -1.68 14.56
N LEU A 29 4.60 -2.28 13.80
CA LEU A 29 3.26 -1.73 13.63
C LEU A 29 2.18 -2.55 14.31
N ILE A 30 2.49 -3.75 14.79
CA ILE A 30 1.53 -4.61 15.46
C ILE A 30 1.84 -4.80 16.95
N GLY A 31 3.07 -4.52 17.38
CA GLY A 31 3.42 -4.68 18.77
C GLY A 31 3.90 -6.05 19.15
N LEU A 32 4.45 -6.81 18.20
CA LEU A 32 4.99 -8.13 18.49
C LEU A 32 6.37 -8.01 19.12
N THR A 33 6.59 -8.80 20.17
CA THR A 33 7.85 -8.78 20.90
C THR A 33 8.60 -10.11 20.85
N ARG A 34 8.02 -11.15 20.28
CA ARG A 34 8.64 -12.47 20.31
C ARG A 34 8.15 -13.28 19.12
N VAL A 35 9.08 -13.70 18.26
CA VAL A 35 8.78 -14.47 17.05
C VAL A 35 9.64 -15.73 17.05
N THR A 36 9.02 -16.88 16.84
CA THR A 36 9.70 -18.16 16.78
C THR A 36 9.79 -18.64 15.34
N ILE A 37 11.01 -18.92 14.89
CA ILE A 37 11.26 -19.37 13.52
C ILE A 37 11.28 -20.89 13.51
N ILE A 38 10.39 -21.48 12.71
CA ILE A 38 10.27 -22.94 12.63
C ILE A 38 10.68 -23.40 11.24
N PRO A 39 11.92 -23.85 11.03
CA PRO A 39 12.32 -24.32 9.71
C PRO A 39 11.79 -25.70 9.40
N ASN A 40 11.50 -25.92 8.12
CA ASN A 40 10.84 -27.11 7.63
C ASN A 40 11.81 -28.10 7.01
N ASN A 41 11.31 -29.32 6.82
CA ASN A 41 11.91 -30.30 5.92
C ASN A 41 10.96 -30.53 4.76
N VAL A 42 11.51 -30.60 3.56
CA VAL A 42 10.70 -30.62 2.34
C VAL A 42 10.27 -32.05 2.04
N PRO A 43 8.97 -32.29 1.84
CA PRO A 43 8.50 -33.66 1.60
C PRO A 43 9.14 -34.23 0.35
N PRO A 44 9.34 -35.55 0.29
CA PRO A 44 10.18 -36.13 -0.77
C PRO A 44 9.64 -35.94 -2.18
N HIS A 45 8.39 -35.53 -2.34
CA HIS A 45 7.79 -35.31 -3.65
C HIS A 45 8.13 -33.94 -4.23
N ARG A 46 8.97 -33.17 -3.54
CA ARG A 46 9.43 -31.89 -4.02
C ARG A 46 10.95 -31.90 -4.14
N PRO A 47 11.51 -30.97 -4.91
CA PRO A 47 12.95 -30.70 -4.85
C PRO A 47 13.41 -30.49 -3.41
N GLN A 48 14.47 -31.19 -3.06
CA GLN A 48 15.04 -31.07 -1.72
C GLN A 48 15.98 -29.88 -1.65
N PRO A 49 16.13 -29.27 -0.47
CA PRO A 49 16.89 -28.02 -0.36
C PRO A 49 18.37 -28.21 -0.69
N GLU A 50 18.97 -27.14 -1.18
CA GLU A 50 20.39 -27.17 -1.50
C GLU A 50 21.26 -27.26 -0.25
N ALA A 51 21.00 -26.38 0.72
CA ALA A 51 21.68 -26.45 2.00
C ALA A 51 21.05 -27.52 2.86
N ASN A 52 21.88 -28.37 3.46
CA ASN A 52 21.36 -29.51 4.21
C ASN A 52 20.77 -29.04 5.54
N SER A 53 20.21 -30.01 6.27
CA SER A 53 19.48 -29.72 7.49
C SER A 53 20.34 -28.96 8.49
N VAL A 54 21.62 -29.32 8.60
CA VAL A 54 22.51 -28.68 9.57
C VAL A 54 22.83 -27.26 9.15
N GLN A 55 23.22 -27.07 7.89
CA GLN A 55 23.69 -25.76 7.43
C GLN A 55 22.59 -24.70 7.55
N ARG A 56 21.35 -25.08 7.24
CA ARG A 56 20.25 -24.12 7.33
C ARG A 56 20.03 -23.69 8.78
N LYS A 57 20.21 -24.60 9.73
CA LYS A 57 20.13 -24.21 11.14
C LYS A 57 21.28 -23.29 11.53
N HIS A 58 22.49 -23.61 11.08
CA HIS A 58 23.64 -22.74 11.32
C HIS A 58 23.40 -21.36 10.72
N MET A 59 22.96 -21.31 9.45
CA MET A 59 22.72 -20.03 8.79
C MET A 59 21.65 -19.23 9.53
N LEU A 60 20.61 -19.90 10.02
CA LEU A 60 19.60 -19.22 10.82
C LEU A 60 20.21 -18.65 12.09
N GLU A 61 20.81 -19.51 12.92
CA GLU A 61 21.44 -19.12 14.18
C GLU A 61 22.31 -17.87 14.04
N LEU A 62 23.01 -17.75 12.91
CA LEU A 62 23.90 -16.60 12.72
C LEU A 62 23.11 -15.32 12.49
N ALA A 63 22.10 -15.36 11.61
CA ALA A 63 21.32 -14.17 11.31
C ALA A 63 20.56 -13.69 12.53
N ILE A 64 20.19 -14.61 13.42
CA ILE A 64 19.25 -14.37 14.51
C ILE A 64 19.94 -14.01 15.82
N ALA A 65 21.28 -14.10 15.88
CA ALA A 65 21.97 -13.98 17.16
C ALA A 65 21.90 -12.56 17.71
N ASP A 66 22.04 -11.56 16.84
CA ASP A 66 22.00 -10.16 17.28
C ASP A 66 20.57 -9.64 17.45
N LYS A 67 19.56 -10.46 17.16
CA LYS A 67 18.17 -10.00 17.11
C LYS A 67 17.37 -10.65 18.22
N PRO A 68 17.00 -9.91 19.27
CA PRO A 68 16.23 -10.52 20.37
C PRO A 68 14.84 -10.95 19.97
N LEU A 69 14.27 -10.35 18.92
CA LEU A 69 12.91 -10.66 18.53
C LEU A 69 12.74 -12.14 18.19
N PHE A 70 13.70 -12.70 17.46
CA PHE A 70 13.55 -14.04 16.90
C PHE A 70 14.15 -15.11 17.81
N THR A 71 13.56 -16.30 17.75
CA THR A 71 14.06 -17.50 18.40
C THR A 71 13.78 -18.68 17.47
N LEU A 72 14.55 -19.76 17.64
CA LEU A 72 14.60 -20.83 16.65
C LEU A 72 14.03 -22.12 17.24
N ASP A 73 13.16 -22.77 16.48
CA ASP A 73 12.50 -24.01 16.88
C ASP A 73 12.79 -25.08 15.84
N GLU A 74 13.52 -26.10 16.23
CA GLU A 74 13.92 -27.16 15.31
C GLU A 74 13.12 -28.44 15.54
N ARG A 75 11.79 -28.32 15.59
CA ARG A 75 10.92 -29.49 15.64
C ARG A 75 11.06 -30.31 14.36
N GLU A 76 10.68 -29.69 13.24
CA GLU A 76 10.62 -30.42 11.98
C GLU A 76 11.99 -30.92 11.56
N LEU A 77 13.05 -30.25 12.01
CA LEU A 77 14.40 -30.70 11.66
C LEU A 77 14.76 -32.00 12.37
N LYS A 78 14.30 -32.17 13.62
CA LYS A 78 14.52 -33.39 14.38
C LYS A 78 13.36 -34.37 14.26
N ARG A 79 12.49 -34.17 13.27
CA ARG A 79 11.24 -34.91 13.13
C ARG A 79 11.37 -36.03 12.12
N ASN A 80 10.74 -37.18 12.42
CA ASN A 80 10.74 -38.32 11.50
C ASN A 80 9.90 -38.02 10.26
N ALA A 81 8.64 -37.64 10.45
CA ALA A 81 7.68 -37.48 9.36
C ALA A 81 7.92 -36.17 8.63
N PRO A 82 7.32 -36.00 7.45
CA PRO A 82 7.44 -34.72 6.75
C PRO A 82 6.63 -33.63 7.43
N SER A 83 7.04 -32.39 7.18
CA SER A 83 6.48 -31.25 7.89
C SER A 83 5.07 -30.95 7.36
N VAL A 84 4.10 -31.01 8.26
CA VAL A 84 2.71 -30.61 7.97
C VAL A 84 2.38 -29.43 8.88
N THR A 85 1.90 -28.34 8.27
CA THR A 85 1.75 -27.08 9.00
C THR A 85 0.75 -27.19 10.15
N ALA A 86 -0.39 -27.87 9.92
CA ALA A 86 -1.40 -28.00 10.97
C ALA A 86 -0.93 -28.89 12.11
N GLN A 87 0.06 -29.74 11.89
CA GLN A 87 0.56 -30.58 12.97
C GLN A 87 1.45 -29.79 13.93
N THR A 88 2.25 -28.87 13.41
CA THR A 88 3.10 -28.07 14.28
C THR A 88 2.26 -27.12 15.14
N LEU A 89 1.20 -26.54 14.56
CA LEU A 89 0.36 -25.63 15.32
C LEU A 89 -0.47 -26.37 16.37
N LYS A 90 -0.88 -27.61 16.06
CA LYS A 90 -1.60 -28.41 17.05
C LYS A 90 -0.71 -28.75 18.24
N GLU A 91 0.61 -28.80 18.03
CA GLU A 91 1.53 -29.05 19.13
C GLU A 91 1.74 -27.82 20.00
N TRP A 92 1.93 -26.65 19.37
CA TRP A 92 2.15 -25.44 20.15
C TRP A 92 0.95 -25.10 21.02
N ARG A 93 -0.26 -25.31 20.49
CA ARG A 93 -1.46 -25.10 21.29
C ARG A 93 -1.48 -26.04 22.50
N GLN A 94 -1.02 -27.27 22.30
CA GLN A 94 -0.94 -28.23 23.40
C GLN A 94 0.03 -27.77 24.48
N GLU A 95 1.27 -27.46 24.08
CA GLU A 95 2.31 -27.15 25.05
C GLU A 95 2.09 -25.79 25.71
N GLN A 96 1.63 -24.80 24.95
CA GLN A 96 1.60 -23.42 25.43
C GLN A 96 0.35 -23.08 26.23
N GLY A 97 -0.71 -23.87 26.13
CA GLY A 97 -1.92 -23.60 26.86
C GLY A 97 -2.98 -22.95 25.99
N PRO A 98 -4.22 -22.90 26.49
CA PRO A 98 -5.34 -22.39 25.68
C PRO A 98 -5.59 -20.89 25.80
N ASP A 99 -4.95 -20.20 26.74
CA ASP A 99 -5.25 -18.80 27.00
C ASP A 99 -4.20 -17.85 26.46
N VAL A 100 -3.13 -18.36 25.85
CA VAL A 100 -2.07 -17.51 25.33
C VAL A 100 -2.31 -17.26 23.84
N PRO A 101 -2.12 -16.02 23.36
CA PRO A 101 -2.34 -15.74 21.94
C PRO A 101 -1.21 -16.31 21.09
N LEU A 102 -1.59 -17.04 20.04
CA LEU A 102 -0.65 -17.61 19.09
C LEU A 102 -1.05 -17.17 17.68
N ALA A 103 -0.05 -16.90 16.84
CA ALA A 103 -0.27 -16.42 15.49
C ALA A 103 0.73 -17.07 14.55
N PHE A 104 0.29 -17.27 13.30
CA PHE A 104 1.08 -17.94 12.27
C PHE A 104 1.25 -16.99 11.09
N ILE A 105 2.49 -16.73 10.71
CA ILE A 105 2.81 -15.75 9.69
C ILE A 105 2.81 -16.43 8.32
N ILE A 106 2.11 -15.84 7.35
CA ILE A 106 2.12 -16.31 5.97
C ILE A 106 2.09 -15.10 5.05
N GLY A 107 2.59 -15.31 3.83
CA GLY A 107 2.49 -14.28 2.82
C GLY A 107 1.13 -14.30 2.13
N GLN A 108 0.87 -13.25 1.35
CA GLN A 108 -0.42 -13.14 0.66
C GLN A 108 -0.57 -14.21 -0.41
N ASP A 109 0.53 -14.55 -1.10
CA ASP A 109 0.48 -15.56 -2.13
C ASP A 109 0.14 -16.95 -1.59
N SER A 110 0.30 -17.16 -0.28
CA SER A 110 -0.05 -18.43 0.34
C SER A 110 -1.43 -18.42 0.99
N LEU A 111 -2.01 -17.24 1.25
CA LEU A 111 -3.38 -17.18 1.72
C LEU A 111 -4.38 -17.35 0.58
N LEU A 112 -4.10 -16.72 -0.56
CA LEU A 112 -4.87 -16.98 -1.78
C LEU A 112 -4.78 -18.45 -2.21
N THR A 113 -3.96 -19.25 -1.53
CA THR A 113 -3.85 -20.69 -1.75
C THR A 113 -4.21 -21.48 -0.50
N PHE A 114 -4.65 -20.82 0.57
CA PHE A 114 -4.77 -21.48 1.87
C PHE A 114 -5.61 -22.75 1.88
N PRO A 115 -6.77 -22.84 1.21
CA PRO A 115 -7.52 -24.11 1.23
C PRO A 115 -6.79 -25.27 0.58
N THR A 116 -5.72 -25.03 -0.16
CA THR A 116 -4.85 -26.08 -0.71
C THR A 116 -4.03 -26.78 0.39
N TRP A 117 -4.27 -26.47 1.66
CA TRP A 117 -3.43 -26.93 2.75
C TRP A 117 -4.11 -28.04 3.54
N ASP A 118 -3.29 -28.98 4.02
CA ASP A 118 -3.78 -30.13 4.78
C ASP A 118 -4.24 -29.67 6.16
N GLU A 119 -5.51 -29.95 6.47
CA GLU A 119 -6.17 -29.43 7.67
C GLU A 119 -6.15 -27.91 7.69
N TYR A 120 -6.44 -27.30 6.53
CA TYR A 120 -6.52 -25.84 6.44
C TYR A 120 -7.52 -25.27 7.43
N GLU A 121 -8.59 -26.01 7.71
CA GLU A 121 -9.59 -25.56 8.68
C GLU A 121 -9.04 -25.59 10.10
N THR A 122 -8.37 -26.69 10.48
CA THR A 122 -7.90 -26.88 11.85
C THR A 122 -6.80 -25.90 12.24
N ILE A 123 -6.30 -25.10 11.30
CA ILE A 123 -5.27 -24.11 11.64
C ILE A 123 -5.87 -22.99 12.48
N LEU A 124 -6.97 -22.39 12.02
CA LEU A 124 -7.62 -21.33 12.78
C LEU A 124 -8.23 -21.83 14.09
N ASP A 125 -8.25 -23.15 14.33
CA ASP A 125 -8.68 -23.66 15.61
C ASP A 125 -7.62 -23.49 16.70
N ASN A 126 -6.36 -23.28 16.32
CA ASN A 126 -5.27 -23.17 17.29
C ASN A 126 -4.62 -21.81 17.35
N ALA A 127 -4.59 -21.06 16.25
CA ALA A 127 -3.86 -19.79 16.23
C ALA A 127 -4.52 -18.83 15.25
N HIS A 128 -4.19 -17.55 15.42
CA HIS A 128 -4.43 -16.57 14.38
C HIS A 128 -3.54 -16.84 13.17
N LEU A 129 -3.77 -16.11 12.09
CA LEU A 129 -2.81 -16.07 11.00
C LEU A 129 -2.69 -14.65 10.49
N ILE A 130 -1.45 -14.14 10.47
CA ILE A 130 -1.14 -12.81 9.98
C ILE A 130 -0.62 -12.96 8.56
N VAL A 131 -1.33 -12.34 7.61
CA VAL A 131 -1.02 -12.49 6.20
C VAL A 131 -0.20 -11.28 5.75
N LEU A 132 0.97 -11.54 5.19
CA LEU A 132 1.85 -10.48 4.73
C LEU A 132 1.40 -10.02 3.35
N ARG A 133 0.83 -8.82 3.28
CA ARG A 133 0.19 -8.33 2.06
C ARG A 133 1.23 -8.10 0.97
N ARG A 134 1.03 -8.77 -0.16
CA ARG A 134 1.81 -8.52 -1.36
C ARG A 134 1.19 -7.33 -2.09
N PRO A 135 1.84 -6.17 -2.08
CA PRO A 135 1.24 -4.99 -2.70
C PRO A 135 1.08 -5.17 -4.20
N GLY A 136 -0.11 -4.85 -4.70
CA GLY A 136 -0.42 -4.98 -6.11
C GLY A 136 -1.29 -6.16 -6.46
N TYR A 137 -1.59 -7.04 -5.51
CA TYR A 137 -2.43 -8.20 -5.76
C TYR A 137 -3.73 -8.09 -4.95
N PRO A 138 -4.83 -8.58 -5.48
CA PRO A 138 -6.09 -8.62 -4.74
C PRO A 138 -6.12 -9.85 -3.82
N LEU A 139 -7.22 -9.96 -3.07
CA LEU A 139 -7.44 -11.03 -2.11
C LEU A 139 -8.22 -12.19 -2.70
N GLU A 140 -8.14 -12.40 -4.01
CA GLU A 140 -9.03 -13.34 -4.70
C GLU A 140 -8.71 -14.77 -4.29
N MET A 141 -9.61 -15.37 -3.52
CA MET A 141 -9.50 -16.79 -3.20
C MET A 141 -10.06 -17.62 -4.35
N ALA A 142 -9.50 -18.84 -4.51
CA ALA A 142 -9.75 -19.64 -5.70
C ALA A 142 -11.23 -19.97 -5.87
N GLN A 143 -11.84 -20.60 -4.86
CA GLN A 143 -13.26 -20.89 -4.88
C GLN A 143 -14.00 -19.90 -4.00
N PRO A 144 -14.74 -18.94 -4.57
CA PRO A 144 -15.35 -17.89 -3.76
C PRO A 144 -16.38 -18.35 -2.73
N GLN A 145 -16.26 -19.58 -2.25
CA GLN A 145 -16.97 -19.98 -1.05
C GLN A 145 -16.10 -19.92 0.19
N TYR A 146 -14.76 -19.99 0.04
CA TYR A 146 -13.85 -19.57 1.09
C TYR A 146 -13.24 -18.19 0.81
N GLN A 147 -13.84 -17.43 -0.11
CA GLN A 147 -13.76 -15.97 -0.03
C GLN A 147 -14.65 -15.47 1.10
N GLN A 148 -15.69 -16.23 1.42
CA GLN A 148 -16.48 -15.97 2.61
C GLN A 148 -15.71 -16.36 3.87
N TRP A 149 -15.01 -17.51 3.82
CA TRP A 149 -14.18 -17.93 4.94
C TRP A 149 -13.16 -16.87 5.31
N LEU A 150 -12.62 -16.17 4.31
CA LEU A 150 -11.74 -15.04 4.59
C LEU A 150 -12.51 -13.90 5.24
N GLU A 151 -13.76 -13.71 4.83
CA GLU A 151 -14.55 -12.59 5.36
C GLU A 151 -15.14 -12.90 6.73
N ASP A 152 -15.34 -14.18 7.06
CA ASP A 152 -15.91 -14.53 8.36
C ASP A 152 -14.91 -14.30 9.49
N HIS A 153 -13.61 -14.39 9.20
CA HIS A 153 -12.58 -14.36 10.23
C HIS A 153 -11.63 -13.17 10.12
N LEU A 154 -11.88 -12.26 9.18
CA LEU A 154 -11.01 -11.10 9.00
C LEU A 154 -11.26 -10.08 10.10
N THR A 155 -10.17 -9.51 10.62
CA THR A 155 -10.25 -8.41 11.58
C THR A 155 -9.28 -7.32 11.18
N HIS A 156 -9.67 -6.07 11.43
CA HIS A 156 -8.83 -4.92 11.16
C HIS A 156 -8.27 -4.29 12.42
N ASN A 157 -8.72 -4.74 13.60
CA ASN A 157 -8.20 -4.28 14.87
C ASN A 157 -7.18 -5.28 15.39
N PRO A 158 -5.89 -4.94 15.44
CA PRO A 158 -4.89 -5.90 15.92
C PRO A 158 -5.05 -6.27 17.39
N GLU A 159 -5.88 -5.55 18.16
CA GLU A 159 -6.17 -5.94 19.53
C GLU A 159 -6.69 -7.37 19.59
N ASP A 160 -7.47 -7.78 18.59
CA ASP A 160 -8.03 -9.13 18.56
C ASP A 160 -6.93 -10.19 18.55
N LEU A 161 -5.80 -9.93 17.90
CA LEU A 161 -4.69 -10.86 17.93
C LEU A 161 -4.07 -10.94 19.33
N HIS A 162 -4.05 -9.83 20.07
CA HIS A 162 -3.43 -9.80 21.39
C HIS A 162 -4.37 -10.17 22.51
N LEU A 163 -5.69 -10.13 22.28
CA LEU A 163 -6.66 -10.35 23.35
C LEU A 163 -7.48 -11.63 23.19
N GLN A 164 -7.31 -12.38 22.10
CA GLN A 164 -8.00 -13.63 21.90
C GLN A 164 -6.99 -14.75 21.65
N PRO A 165 -7.31 -15.98 22.06
CA PRO A 165 -6.36 -17.09 21.84
C PRO A 165 -6.10 -17.40 20.37
N ALA A 166 -7.11 -17.33 19.52
CA ALA A 166 -6.96 -17.77 18.14
C ALA A 166 -8.17 -17.27 17.33
N GLY A 167 -8.21 -17.65 16.06
CA GLY A 167 -9.43 -17.58 15.27
C GLY A 167 -9.53 -16.43 14.30
N LYS A 168 -8.70 -15.40 14.43
CA LYS A 168 -8.80 -14.22 13.58
C LYS A 168 -7.72 -14.24 12.50
N ILE A 169 -7.89 -13.35 11.52
CA ILE A 169 -6.97 -13.22 10.40
C ILE A 169 -6.64 -11.74 10.22
N TYR A 170 -5.36 -11.43 10.08
CA TYR A 170 -4.91 -10.06 9.90
C TYR A 170 -4.09 -9.96 8.63
N LEU A 171 -4.36 -8.93 7.83
CA LEU A 171 -3.54 -8.57 6.68
C LEU A 171 -2.69 -7.37 7.05
N ALA A 172 -1.41 -7.44 6.77
CA ALA A 172 -0.44 -6.46 7.26
C ALA A 172 0.32 -5.84 6.09
N GLU A 173 0.48 -4.52 6.16
CA GLU A 173 1.26 -3.78 5.16
C GLU A 173 2.74 -4.06 5.38
N THR A 174 3.37 -4.69 4.40
CA THR A 174 4.79 -4.94 4.41
C THR A 174 5.48 -4.19 3.29
N PRO A 175 6.77 -3.87 3.44
CA PRO A 175 7.52 -3.27 2.34
C PRO A 175 7.86 -4.32 1.29
N TYR A 176 8.39 -3.84 0.17
CA TYR A 176 8.82 -4.71 -0.91
C TYR A 176 10.32 -4.93 -0.82
N PHE A 177 10.74 -6.16 -1.10
CA PHE A 177 12.15 -6.51 -1.21
C PHE A 177 12.31 -7.43 -2.41
N ASN A 178 13.17 -7.03 -3.35
CA ASN A 178 13.37 -7.82 -4.56
C ASN A 178 14.38 -8.95 -4.33
N ILE A 179 14.15 -9.76 -3.29
CA ILE A 179 15.03 -10.87 -2.97
C ILE A 179 14.20 -12.11 -2.67
N SER A 180 14.67 -13.26 -3.15
CA SER A 180 14.12 -14.55 -2.80
C SER A 180 15.29 -15.51 -2.59
N ALA A 181 14.97 -16.78 -2.32
CA ALA A 181 16.04 -17.76 -2.18
C ALA A 181 16.57 -18.21 -3.53
N THR A 182 15.75 -18.20 -4.57
CA THR A 182 16.22 -18.60 -5.89
C THR A 182 17.01 -17.48 -6.55
N ILE A 183 16.59 -16.23 -6.36
CA ILE A 183 17.39 -15.09 -6.81
C ILE A 183 18.81 -15.22 -6.30
N ILE A 184 18.98 -15.24 -4.98
CA ILE A 184 20.30 -15.27 -4.36
C ILE A 184 21.11 -16.46 -4.86
N ARG A 185 20.48 -17.65 -4.92
CA ARG A 185 21.17 -18.82 -5.44
C ARG A 185 21.64 -18.59 -6.89
N GLU A 186 20.83 -17.90 -7.69
CA GLU A 186 21.23 -17.63 -9.07
C GLU A 186 22.28 -16.53 -9.14
N ARG A 187 22.12 -15.46 -8.37
CA ARG A 187 23.12 -14.40 -8.31
C ARG A 187 24.48 -14.92 -7.86
N LEU A 188 24.50 -16.03 -7.11
CA LEU A 188 25.76 -16.63 -6.67
C LEU A 188 26.42 -17.41 -7.80
N GLN A 189 25.65 -18.26 -8.49
CA GLN A 189 26.19 -19.00 -9.63
C GLN A 189 26.66 -18.04 -10.72
N ASN A 190 25.92 -16.97 -10.95
CA ASN A 190 26.30 -15.98 -11.95
C ASN A 190 27.47 -15.10 -11.50
N GLY A 191 27.76 -15.06 -10.21
CA GLY A 191 28.91 -14.31 -9.73
C GLY A 191 28.67 -12.86 -9.42
N GLU A 192 27.42 -12.45 -9.25
CA GLU A 192 27.08 -11.07 -8.93
C GLU A 192 26.89 -10.90 -7.42
N SER A 193 27.16 -9.69 -6.94
CA SER A 193 27.27 -9.41 -5.52
C SER A 193 25.95 -9.64 -4.79
N CYS A 194 26.04 -9.68 -3.45
CA CYS A 194 24.86 -9.94 -2.63
C CYS A 194 24.95 -9.33 -1.23
N GLU A 195 25.83 -8.36 -0.98
CA GLU A 195 25.95 -7.83 0.37
C GLU A 195 24.75 -6.99 0.82
N ASP A 196 23.68 -6.92 0.04
CA ASP A 196 22.47 -6.20 0.44
C ASP A 196 21.23 -7.08 0.45
N LEU A 197 21.31 -8.32 -0.02
CA LEU A 197 20.20 -9.27 0.05
C LEU A 197 20.34 -10.25 1.19
N LEU A 198 21.49 -10.24 1.88
CA LEU A 198 21.87 -11.30 2.81
C LEU A 198 22.60 -10.69 4.00
N PRO A 199 22.31 -11.16 5.21
CA PRO A 199 23.11 -10.75 6.37
C PRO A 199 24.57 -11.09 6.16
N GLU A 200 25.45 -10.19 6.57
CA GLU A 200 26.88 -10.36 6.31
C GLU A 200 27.46 -11.61 6.97
N PRO A 201 27.09 -11.99 8.19
CA PRO A 201 27.57 -13.29 8.70
C PRO A 201 27.06 -14.47 7.90
N VAL A 202 25.79 -14.46 7.47
CA VAL A 202 25.24 -15.60 6.75
C VAL A 202 25.97 -15.78 5.41
N LEU A 203 26.24 -14.67 4.73
CA LEU A 203 26.91 -14.74 3.44
C LEU A 203 28.34 -15.29 3.59
N THR A 204 29.01 -14.94 4.69
CA THR A 204 30.35 -15.48 4.93
C THR A 204 30.29 -16.99 5.14
N TYR A 205 29.30 -17.47 5.89
CA TYR A 205 29.12 -18.91 6.05
C TYR A 205 28.86 -19.58 4.71
N ILE A 206 28.07 -18.93 3.84
CA ILE A 206 27.78 -19.48 2.53
C ILE A 206 29.07 -19.61 1.71
N ASN A 207 29.88 -18.55 1.71
CA ASN A 207 31.15 -18.59 0.97
C ASN A 207 32.09 -19.63 1.56
N GLN A 208 32.12 -19.76 2.88
CA GLN A 208 33.01 -20.73 3.51
C GLN A 208 32.58 -22.16 3.26
N GLN A 209 31.27 -22.41 3.25
CA GLN A 209 30.77 -23.76 3.01
C GLN A 209 30.66 -24.09 1.53
N GLY A 210 30.75 -23.11 0.65
CA GLY A 210 30.69 -23.36 -0.77
C GLY A 210 29.32 -23.63 -1.32
N LEU A 211 28.26 -23.19 -0.64
CA LEU A 211 26.90 -23.48 -1.07
C LEU A 211 26.52 -22.60 -2.25
N TYR A 212 25.62 -23.14 -3.08
CA TYR A 212 24.99 -22.43 -4.19
C TYR A 212 26.00 -21.98 -5.25
N ARG A 213 27.16 -22.60 -5.31
CA ARG A 213 28.18 -22.22 -6.28
C ARG A 213 28.50 -23.37 -7.22
N MET B 1 7.69 32.32 9.76
CA MET B 1 7.16 32.10 11.11
C MET B 1 8.01 31.10 11.89
N LYS B 2 7.48 30.56 12.97
CA LYS B 2 8.22 29.65 13.82
C LYS B 2 7.85 28.21 13.54
N SER B 3 8.58 27.31 14.20
CA SER B 3 8.39 25.88 14.01
C SER B 3 7.18 25.38 14.80
N LEU B 4 6.52 24.36 14.26
CA LEU B 4 5.39 23.76 14.94
C LEU B 4 5.85 23.07 16.23
N GLN B 5 5.21 23.43 17.34
CA GLN B 5 5.45 22.84 18.64
C GLN B 5 4.22 22.04 19.03
N ALA B 6 4.41 20.76 19.31
CA ALA B 6 3.32 19.87 19.68
C ALA B 6 3.33 19.65 21.19
N LEU B 7 2.15 19.69 21.79
CA LEU B 7 1.97 19.41 23.20
C LEU B 7 1.32 18.05 23.38
N PHE B 8 1.65 17.37 24.47
CA PHE B 8 1.23 15.99 24.68
C PHE B 8 1.14 15.75 26.19
N GLY B 9 -0.09 15.61 26.69
CA GLY B 9 -0.33 15.48 28.11
C GLY B 9 -0.72 14.07 28.52
N GLY B 10 -0.87 13.89 29.83
CA GLY B 10 -1.27 12.61 30.36
C GLY B 10 -0.97 12.52 31.84
N THR B 11 -1.29 11.36 32.41
CA THR B 11 -0.98 11.10 33.80
C THR B 11 0.45 10.58 33.96
N PHE B 12 0.83 9.61 33.12
CA PHE B 12 2.18 9.05 33.09
C PHE B 12 2.52 8.32 34.38
N ASP B 13 1.80 7.24 34.66
CA ASP B 13 1.98 6.44 35.87
C ASP B 13 2.10 4.97 35.48
N PRO B 14 3.20 4.59 34.80
CA PRO B 14 4.35 5.40 34.42
C PRO B 14 4.25 5.90 32.98
N VAL B 15 5.37 6.44 32.47
CA VAL B 15 5.58 6.68 31.05
C VAL B 15 6.16 5.41 30.44
N HIS B 16 5.68 5.04 29.25
CA HIS B 16 6.12 3.79 28.64
C HIS B 16 6.29 3.95 27.14
N TYR B 17 6.71 2.84 26.51
CA TYR B 17 7.00 2.82 25.08
C TYR B 17 5.83 3.29 24.22
N GLY B 18 4.59 3.02 24.65
CA GLY B 18 3.44 3.44 23.88
C GLY B 18 3.41 4.93 23.65
N HIS B 19 3.52 5.70 24.74
CA HIS B 19 3.58 7.16 24.61
C HIS B 19 4.72 7.57 23.70
N LEU B 20 5.93 7.07 23.97
CA LEU B 20 7.10 7.54 23.26
C LEU B 20 7.10 7.09 21.80
N LYS B 21 6.98 5.79 21.56
CA LYS B 21 7.09 5.27 20.19
C LYS B 21 5.96 5.76 19.31
N LYS B 22 4.74 5.86 19.85
CA LYS B 22 3.61 6.36 19.06
C LYS B 22 3.83 7.81 18.65
N VAL B 23 4.40 8.61 19.55
CA VAL B 23 4.53 10.04 19.26
C VAL B 23 5.74 10.31 18.37
N GLU B 24 6.86 9.63 18.62
CA GLU B 24 8.00 9.82 17.74
C GLU B 24 7.74 9.21 16.36
N THR B 25 6.82 8.24 16.27
CA THR B 25 6.34 7.80 14.97
C THR B 25 5.58 8.91 14.26
N LEU B 26 4.70 9.59 15.00
CA LEU B 26 3.94 10.71 14.44
C LEU B 26 4.88 11.81 13.96
N ALA B 27 5.88 12.16 14.78
CA ALA B 27 6.84 13.20 14.42
C ALA B 27 7.53 12.93 13.10
N ASN B 28 7.59 11.66 12.66
CA ASN B 28 8.39 11.33 11.47
C ASN B 28 7.63 11.59 10.18
N LEU B 29 6.31 11.35 10.15
CA LEU B 29 5.52 11.59 8.94
C LEU B 29 4.68 12.85 9.02
N ILE B 30 4.89 13.68 10.04
CA ILE B 30 4.16 14.94 10.18
C ILE B 30 5.06 16.16 10.04
N GLY B 31 6.36 16.03 10.32
CA GLY B 31 7.27 17.14 10.27
C GLY B 31 7.55 17.83 11.58
N LEU B 32 7.45 17.12 12.70
CA LEU B 32 7.61 17.72 14.01
C LEU B 32 9.08 17.96 14.33
N THR B 33 9.35 19.11 14.95
CA THR B 33 10.69 19.46 15.41
C THR B 33 10.76 19.68 16.91
N ARG B 34 9.62 19.86 17.59
CA ARG B 34 9.62 20.15 19.01
C ARG B 34 8.33 19.64 19.62
N VAL B 35 8.44 18.76 20.62
CA VAL B 35 7.29 18.19 21.32
C VAL B 35 7.48 18.43 22.81
N THR B 36 6.50 19.08 23.44
CA THR B 36 6.56 19.44 24.85
C THR B 36 5.56 18.59 25.63
N ILE B 37 6.08 17.77 26.55
CA ILE B 37 5.26 16.89 27.36
C ILE B 37 4.79 17.64 28.60
N ILE B 38 3.50 17.54 28.89
CA ILE B 38 2.89 18.20 30.05
C ILE B 38 2.20 17.18 30.92
N PRO B 39 2.89 16.58 31.91
CA PRO B 39 2.21 15.65 32.81
C PRO B 39 1.28 16.38 33.75
N ASN B 40 0.11 15.79 33.98
CA ASN B 40 -0.94 16.42 34.76
C ASN B 40 -1.12 15.75 36.10
N ASN B 41 -1.96 16.36 36.92
CA ASN B 41 -2.36 15.82 38.21
C ASN B 41 -3.84 15.49 38.17
N VAL B 42 -4.20 14.34 38.70
CA VAL B 42 -5.55 13.80 38.54
C VAL B 42 -6.49 14.52 39.50
N PRO B 43 -7.62 15.04 39.02
CA PRO B 43 -8.55 15.71 39.92
C PRO B 43 -8.99 14.80 41.04
N PRO B 44 -9.36 15.37 42.19
CA PRO B 44 -9.46 14.55 43.42
C PRO B 44 -10.59 13.54 43.43
N HIS B 45 -11.62 13.74 42.61
CA HIS B 45 -12.74 12.81 42.55
C HIS B 45 -12.44 11.56 41.73
N ARG B 46 -11.25 11.47 41.12
CA ARG B 46 -10.85 10.31 40.35
C ARG B 46 -9.80 9.51 41.12
N PRO B 47 -9.68 8.22 40.85
CA PRO B 47 -8.58 7.43 41.42
C PRO B 47 -7.23 8.09 41.18
N GLN B 48 -6.49 8.30 42.26
CA GLN B 48 -5.23 9.01 42.19
C GLN B 48 -4.10 8.10 41.69
N PRO B 49 -3.09 8.68 41.03
CA PRO B 49 -2.03 7.85 40.45
C PRO B 49 -1.16 7.21 41.51
N GLU B 50 -0.64 6.02 41.19
CA GLU B 50 0.14 5.26 42.15
C GLU B 50 1.44 5.99 42.48
N ALA B 51 2.16 6.45 41.46
CA ALA B 51 3.40 7.17 41.66
C ALA B 51 3.11 8.65 41.92
N ASN B 52 3.87 9.24 42.84
CA ASN B 52 3.58 10.61 43.23
C ASN B 52 4.13 11.60 42.20
N SER B 53 3.84 12.88 42.44
CA SER B 53 4.13 13.91 41.47
C SER B 53 5.60 13.95 41.09
N VAL B 54 6.48 13.79 42.08
CA VAL B 54 7.92 13.82 41.81
C VAL B 54 8.35 12.58 41.04
N GLN B 55 7.92 11.40 41.49
CA GLN B 55 8.29 10.14 40.85
C GLN B 55 7.91 10.14 39.37
N ARG B 56 6.68 10.55 39.06
CA ARG B 56 6.26 10.59 37.67
C ARG B 56 7.10 11.56 36.85
N LYS B 57 7.60 12.63 37.49
CA LYS B 57 8.53 13.52 36.80
C LYS B 57 9.88 12.84 36.61
N HIS B 58 10.43 12.28 37.70
CA HIS B 58 11.71 11.58 37.60
C HIS B 58 11.68 10.47 36.56
N MET B 59 10.61 9.66 36.57
CA MET B 59 10.45 8.64 35.55
C MET B 59 10.42 9.25 34.16
N LEU B 60 9.67 10.35 33.99
CA LEU B 60 9.66 11.04 32.70
C LEU B 60 11.05 11.49 32.31
N GLU B 61 11.75 12.16 33.23
CA GLU B 61 13.08 12.69 32.94
C GLU B 61 14.04 11.59 32.49
N LEU B 62 13.96 10.41 33.12
CA LEU B 62 14.86 9.31 32.76
C LEU B 62 14.63 8.79 31.35
N ALA B 63 13.43 8.97 30.79
CA ALA B 63 13.12 8.47 29.45
C ALA B 63 13.24 9.54 28.38
N ILE B 64 13.26 10.82 28.77
CA ILE B 64 13.25 11.92 27.82
C ILE B 64 14.64 12.52 27.61
N ALA B 65 15.56 12.36 28.56
CA ALA B 65 16.85 13.03 28.50
C ALA B 65 17.70 12.53 27.33
N ASP B 66 17.50 11.30 26.92
CA ASP B 66 18.22 10.75 25.78
C ASP B 66 17.54 11.06 24.45
N LYS B 67 16.39 11.71 24.48
CA LYS B 67 15.63 12.01 23.26
C LYS B 67 15.46 13.51 23.10
N PRO B 68 16.16 14.15 22.15
CA PRO B 68 16.08 15.61 22.03
C PRO B 68 14.75 16.08 21.49
N LEU B 69 13.97 15.20 20.87
CA LEU B 69 12.65 15.57 20.39
C LEU B 69 11.78 16.08 21.53
N PHE B 70 11.71 15.32 22.62
CA PHE B 70 10.84 15.68 23.73
C PHE B 70 11.53 16.66 24.67
N THR B 71 10.73 17.54 25.26
CA THR B 71 11.15 18.46 26.30
C THR B 71 10.01 18.59 27.31
N LEU B 72 10.37 18.69 28.59
CA LEU B 72 9.41 18.55 29.67
C LEU B 72 8.91 19.91 30.17
N ASP B 73 7.60 19.98 30.41
CA ASP B 73 6.95 21.15 30.98
C ASP B 73 6.21 20.71 32.24
N GLU B 74 6.61 21.26 33.39
CA GLU B 74 6.02 20.89 34.67
C GLU B 74 5.05 21.94 35.19
N ARG B 75 4.22 22.50 34.31
CA ARG B 75 3.17 23.43 34.71
C ARG B 75 2.25 22.80 35.75
N GLU B 76 1.50 21.79 35.33
CA GLU B 76 0.41 21.23 36.13
C GLU B 76 0.93 20.48 37.35
N LEU B 77 2.20 20.07 37.37
CA LEU B 77 2.79 19.54 38.58
C LEU B 77 3.03 20.64 39.62
N LYS B 78 3.09 21.90 39.18
CA LYS B 78 3.22 23.05 40.07
C LYS B 78 1.92 23.80 40.29
N ARG B 79 0.89 23.49 39.51
CA ARG B 79 -0.35 24.25 39.59
C ARG B 79 -1.17 23.79 40.80
N ASN B 80 -1.88 24.75 41.40
CA ASN B 80 -2.76 24.48 42.54
C ASN B 80 -4.15 24.05 42.12
N ALA B 81 -4.65 24.57 40.99
CA ALA B 81 -5.96 24.16 40.48
C ALA B 81 -5.92 22.70 40.03
N PRO B 82 -7.08 22.06 39.85
CA PRO B 82 -7.09 20.66 39.41
C PRO B 82 -6.54 20.46 38.00
N SER B 83 -6.25 21.53 37.27
CA SER B 83 -5.73 21.53 35.91
C SER B 83 -6.80 21.13 34.90
N VAL B 84 -7.09 22.02 33.97
CA VAL B 84 -8.00 21.74 32.87
C VAL B 84 -7.23 21.96 31.56
N THR B 85 -7.58 21.17 30.55
CA THR B 85 -6.74 21.08 29.36
C THR B 85 -6.82 22.34 28.51
N ALA B 86 -7.99 22.95 28.42
CA ALA B 86 -8.10 24.19 27.67
C ALA B 86 -7.34 25.34 28.32
N GLN B 87 -6.98 25.20 29.60
CA GLN B 87 -6.27 26.27 30.29
C GLN B 87 -4.77 26.26 29.97
N THR B 88 -4.15 25.08 29.97
CA THR B 88 -2.75 24.98 29.58
C THR B 88 -2.54 25.53 28.17
N LEU B 89 -3.44 25.19 27.24
CA LEU B 89 -3.32 25.70 25.88
C LEU B 89 -3.57 27.20 25.84
N LYS B 90 -4.51 27.70 26.66
CA LYS B 90 -4.76 29.13 26.73
C LYS B 90 -3.51 29.90 27.13
N GLU B 91 -2.62 29.27 27.90
CA GLU B 91 -1.38 29.90 28.32
C GLU B 91 -0.31 29.84 27.23
N TRP B 92 -0.15 28.68 26.58
CA TRP B 92 0.85 28.55 25.53
C TRP B 92 0.61 29.57 24.42
N ARG B 93 -0.64 29.75 24.01
CA ARG B 93 -0.96 30.82 23.06
C ARG B 93 -0.55 32.18 23.60
N GLN B 94 -0.80 32.42 24.89
CA GLN B 94 -0.44 33.68 25.50
C GLN B 94 1.08 33.89 25.48
N GLU B 95 1.84 32.88 25.90
CA GLU B 95 3.28 33.06 26.07
C GLU B 95 3.99 33.02 24.72
N GLN B 96 3.53 32.17 23.80
CA GLN B 96 4.28 31.92 22.58
C GLN B 96 3.95 32.88 21.44
N GLY B 97 2.93 33.72 21.60
CA GLY B 97 2.60 34.68 20.58
C GLY B 97 1.39 34.29 19.76
N PRO B 98 0.92 35.20 18.91
CA PRO B 98 -0.31 34.94 18.14
C PRO B 98 -0.09 34.15 16.86
N ASP B 99 1.15 33.94 16.42
CA ASP B 99 1.42 33.47 15.07
C ASP B 99 2.17 32.15 14.97
N VAL B 100 2.48 31.50 16.09
CA VAL B 100 3.24 30.25 16.03
C VAL B 100 2.27 29.07 15.96
N PRO B 101 2.62 28.01 15.23
CA PRO B 101 1.72 26.84 15.16
C PRO B 101 1.79 26.02 16.44
N LEU B 102 0.61 25.70 17.00
CA LEU B 102 0.49 24.88 18.19
C LEU B 102 -0.45 23.72 17.91
N ALA B 103 -0.11 22.55 18.44
CA ALA B 103 -0.91 21.35 18.26
C ALA B 103 -0.88 20.50 19.52
N PHE B 104 -2.04 19.94 19.87
CA PHE B 104 -2.20 19.08 21.05
C PHE B 104 -2.51 17.67 20.57
N ILE B 105 -1.82 16.68 21.14
CA ILE B 105 -1.92 15.29 20.72
C ILE B 105 -2.87 14.55 21.65
N ILE B 106 -3.88 13.89 21.08
CA ILE B 106 -4.81 13.06 21.84
C ILE B 106 -5.05 11.77 21.08
N GLY B 107 -5.58 10.78 21.81
CA GLY B 107 -5.95 9.52 21.21
C GLY B 107 -7.35 9.57 20.61
N GLN B 108 -7.68 8.50 19.86
CA GLN B 108 -8.95 8.48 19.15
C GLN B 108 -10.14 8.39 20.09
N ASP B 109 -10.06 7.51 21.09
CA ASP B 109 -11.20 7.33 22.00
C ASP B 109 -11.43 8.55 22.88
N SER B 110 -10.43 9.42 23.03
CA SER B 110 -10.65 10.69 23.73
C SER B 110 -11.21 11.76 22.81
N LEU B 111 -11.06 11.60 21.49
CA LEU B 111 -11.74 12.49 20.56
C LEU B 111 -13.23 12.17 20.50
N LEU B 112 -13.59 10.88 20.59
CA LEU B 112 -14.99 10.49 20.70
C LEU B 112 -15.68 11.24 21.83
N THR B 113 -15.04 11.28 22.99
CA THR B 113 -15.56 11.99 24.17
C THR B 113 -14.84 13.32 24.36
N PHE B 114 -14.79 14.13 23.31
CA PHE B 114 -14.05 15.40 23.36
C PHE B 114 -14.95 16.57 23.75
N PRO B 115 -16.19 16.67 23.25
CA PRO B 115 -17.09 17.70 23.80
C PRO B 115 -17.35 17.55 25.30
N THR B 116 -17.12 16.35 25.86
CA THR B 116 -17.10 16.20 27.31
C THR B 116 -16.04 17.09 27.95
N TRP B 117 -14.90 17.27 27.27
CA TRP B 117 -13.82 18.09 27.82
C TRP B 117 -14.29 19.51 28.04
N ASP B 118 -13.69 20.16 29.04
CA ASP B 118 -14.10 21.50 29.42
C ASP B 118 -13.52 22.53 28.46
N GLU B 119 -14.38 23.41 27.96
CA GLU B 119 -14.04 24.37 26.92
C GLU B 119 -13.40 23.66 25.72
N TYR B 120 -14.01 22.57 25.31
CA TYR B 120 -13.67 21.95 24.02
C TYR B 120 -13.84 22.92 22.87
N GLU B 121 -14.51 24.05 23.09
CA GLU B 121 -14.65 25.09 22.09
C GLU B 121 -13.38 25.93 21.97
N THR B 122 -12.82 26.38 23.08
CA THR B 122 -11.63 27.24 23.07
C THR B 122 -10.37 26.50 22.65
N ILE B 123 -10.41 25.18 22.51
CA ILE B 123 -9.20 24.41 22.28
C ILE B 123 -8.67 24.66 20.87
N LEU B 124 -9.53 24.58 19.86
CA LEU B 124 -9.10 24.91 18.50
C LEU B 124 -8.87 26.40 18.31
N ASP B 125 -9.27 27.24 19.26
CA ASP B 125 -9.01 28.67 19.17
C ASP B 125 -7.52 28.97 19.33
N ASN B 126 -6.80 28.16 20.10
CA ASN B 126 -5.41 28.43 20.41
C ASN B 126 -4.44 27.41 19.82
N ALA B 127 -4.92 26.27 19.36
CA ALA B 127 -4.04 25.24 18.82
C ALA B 127 -4.84 24.33 17.90
N HIS B 128 -4.12 23.64 17.02
CA HIS B 128 -4.69 22.50 16.33
C HIS B 128 -4.85 21.35 17.32
N LEU B 129 -5.34 20.22 16.83
CA LEU B 129 -5.20 18.99 17.58
C LEU B 129 -5.03 17.84 16.60
N ILE B 130 -4.06 16.99 16.90
CA ILE B 130 -3.71 15.82 16.11
C ILE B 130 -4.22 14.59 16.85
N VAL B 131 -5.01 13.77 16.18
CA VAL B 131 -5.60 12.59 16.78
C VAL B 131 -4.85 11.36 16.28
N LEU B 132 -4.29 10.61 17.22
CA LEU B 132 -3.65 9.33 16.90
C LEU B 132 -4.75 8.31 16.67
N ARG B 133 -4.93 7.91 15.40
CA ARG B 133 -6.02 7.02 15.04
C ARG B 133 -5.90 5.66 15.73
N ARG B 134 -6.98 5.20 16.33
CA ARG B 134 -7.06 3.84 16.82
C ARG B 134 -7.53 2.96 15.68
N PRO B 135 -6.70 2.03 15.22
CA PRO B 135 -7.10 1.15 14.12
C PRO B 135 -8.26 0.25 14.52
N GLY B 136 -9.09 -0.09 13.53
CA GLY B 136 -10.18 -1.01 13.72
C GLY B 136 -11.47 -0.41 14.25
N TYR B 137 -11.46 0.86 14.66
CA TYR B 137 -12.66 1.50 15.19
C TYR B 137 -13.15 2.58 14.23
N PRO B 138 -14.46 2.72 14.07
CA PRO B 138 -15.00 3.76 13.18
C PRO B 138 -14.86 5.15 13.80
N LEU B 139 -15.23 6.15 12.99
CA LEU B 139 -15.10 7.56 13.33
C LEU B 139 -16.33 8.14 14.01
N GLU B 140 -17.10 7.32 14.74
CA GLU B 140 -18.42 7.73 15.19
C GLU B 140 -18.32 8.61 16.43
N MET B 141 -18.80 9.85 16.32
CA MET B 141 -18.86 10.75 17.46
C MET B 141 -20.13 10.51 18.26
N ALA B 142 -20.07 10.86 19.55
CA ALA B 142 -21.10 10.40 20.49
C ALA B 142 -22.47 10.98 20.16
N GLN B 143 -22.57 12.29 20.06
CA GLN B 143 -23.82 12.94 19.68
C GLN B 143 -23.71 13.38 18.23
N PRO B 144 -24.43 12.75 17.29
CA PRO B 144 -24.28 13.13 15.87
C PRO B 144 -24.68 14.56 15.54
N GLN B 145 -24.21 15.52 16.35
CA GLN B 145 -24.37 16.93 16.04
C GLN B 145 -23.08 17.72 16.06
N TYR B 146 -22.05 17.28 16.79
CA TYR B 146 -20.70 17.77 16.60
C TYR B 146 -19.84 16.81 15.78
N GLN B 147 -20.47 15.86 15.10
CA GLN B 147 -19.80 15.16 14.00
C GLN B 147 -19.57 16.13 12.84
N GLN B 148 -20.47 17.10 12.65
CA GLN B 148 -20.22 18.18 11.72
C GLN B 148 -19.05 19.04 12.17
N TRP B 149 -18.92 19.25 13.49
CA TRP B 149 -17.78 19.98 14.03
C TRP B 149 -16.47 19.31 13.64
N LEU B 150 -16.41 17.98 13.71
CA LEU B 150 -15.22 17.26 13.30
C LEU B 150 -14.91 17.47 11.83
N GLU B 151 -15.92 17.30 10.97
CA GLU B 151 -15.73 17.43 9.53
C GLU B 151 -15.50 18.89 9.11
N ASP B 152 -15.87 19.85 9.97
CA ASP B 152 -15.67 21.26 9.63
C ASP B 152 -14.20 21.65 9.64
N HIS B 153 -13.39 21.04 10.52
CA HIS B 153 -11.99 21.39 10.66
C HIS B 153 -11.04 20.27 10.28
N LEU B 154 -11.55 19.10 9.91
CA LEU B 154 -10.71 17.99 9.47
C LEU B 154 -9.90 18.39 8.24
N THR B 155 -8.64 17.97 8.22
CA THR B 155 -7.77 18.21 7.07
C THR B 155 -6.84 17.02 6.88
N HIS B 156 -6.32 16.90 5.66
CA HIS B 156 -5.36 15.86 5.34
C HIS B 156 -4.00 16.38 4.92
N ASN B 157 -3.86 17.69 4.70
CA ASN B 157 -2.57 18.28 4.33
C ASN B 157 -1.87 18.77 5.60
N PRO B 158 -0.80 18.12 6.04
CA PRO B 158 -0.09 18.59 7.23
C PRO B 158 0.50 19.98 7.08
N GLU B 159 0.64 20.48 5.85
CA GLU B 159 1.06 21.87 5.64
C GLU B 159 0.20 22.84 6.44
N ASP B 160 -1.09 22.50 6.60
CA ASP B 160 -1.98 23.35 7.38
C ASP B 160 -1.55 23.43 8.84
N LEU B 161 -1.03 22.33 9.39
CA LEU B 161 -0.56 22.33 10.77
C LEU B 161 0.66 23.23 10.96
N HIS B 162 1.41 23.53 9.89
CA HIS B 162 2.63 24.31 10.00
C HIS B 162 2.46 25.76 9.55
N LEU B 163 1.50 26.05 8.66
CA LEU B 163 1.34 27.39 8.12
C LEU B 163 0.22 28.19 8.78
N GLN B 164 -0.63 27.54 9.58
CA GLN B 164 -1.72 28.22 10.25
C GLN B 164 -1.58 28.07 11.76
N PRO B 165 -1.90 29.12 12.53
CA PRO B 165 -1.72 29.04 13.99
C PRO B 165 -2.55 27.96 14.67
N ALA B 166 -3.78 27.71 14.24
CA ALA B 166 -4.66 26.80 14.97
C ALA B 166 -5.86 26.43 14.11
N GLY B 167 -6.70 25.54 14.63
CA GLY B 167 -8.04 25.32 14.12
C GLY B 167 -8.27 24.04 13.36
N LYS B 168 -7.23 23.24 13.10
CA LYS B 168 -7.37 22.08 12.23
C LYS B 168 -7.25 20.78 13.00
N ILE B 169 -7.85 19.73 12.44
CA ILE B 169 -7.83 18.38 12.99
C ILE B 169 -7.16 17.47 11.99
N TYR B 170 -6.10 16.78 12.42
CA TYR B 170 -5.42 15.78 11.60
C TYR B 170 -5.56 14.42 12.27
N LEU B 171 -5.94 13.42 11.49
CA LEU B 171 -6.03 12.04 11.95
C LEU B 171 -4.81 11.29 11.44
N ALA B 172 -4.06 10.68 12.37
CA ALA B 172 -2.74 10.14 12.08
C ALA B 172 -2.71 8.64 12.30
N GLU B 173 -2.12 7.92 11.33
CA GLU B 173 -1.88 6.49 11.47
C GLU B 173 -0.71 6.26 12.41
N THR B 174 -0.93 5.46 13.45
CA THR B 174 0.14 5.08 14.37
C THR B 174 0.12 3.58 14.56
N PRO B 175 1.26 2.99 14.90
CA PRO B 175 1.30 1.55 15.18
C PRO B 175 0.53 1.20 16.44
N TYR B 176 0.35 -0.10 16.63
CA TYR B 176 -0.32 -0.63 17.81
C TYR B 176 0.71 -1.20 18.77
N PHE B 177 0.52 -0.94 20.06
CA PHE B 177 1.32 -1.55 21.11
C PHE B 177 0.37 -2.10 22.16
N ASN B 178 0.49 -3.39 22.47
CA ASN B 178 -0.34 -4.03 23.49
C ASN B 178 0.18 -3.67 24.87
N ILE B 179 0.32 -2.37 25.12
CA ILE B 179 0.84 -1.85 26.37
C ILE B 179 0.01 -0.65 26.80
N SER B 180 -0.29 -0.58 28.09
CA SER B 180 -0.89 0.58 28.72
C SER B 180 -0.34 0.71 30.12
N ALA B 181 -0.68 1.81 30.79
CA ALA B 181 -0.24 1.98 32.17
C ALA B 181 -0.81 0.89 33.07
N THR B 182 -2.05 0.47 32.80
CA THR B 182 -2.64 -0.62 33.56
C THR B 182 -2.01 -1.96 33.21
N ILE B 183 -1.64 -2.14 31.93
CA ILE B 183 -0.96 -3.37 31.53
C ILE B 183 0.33 -3.55 32.32
N ILE B 184 1.06 -2.45 32.55
CA ILE B 184 2.36 -2.53 33.22
C ILE B 184 2.19 -2.84 34.70
N ARG B 185 1.23 -2.17 35.36
CA ARG B 185 1.04 -2.40 36.80
C ARG B 185 0.62 -3.83 37.07
N GLU B 186 -0.09 -4.47 36.14
CA GLU B 186 -0.48 -5.86 36.32
C GLU B 186 0.72 -6.78 36.30
N ARG B 187 1.51 -6.74 35.22
CA ARG B 187 2.64 -7.65 35.08
C ARG B 187 3.68 -7.43 36.18
N LEU B 188 3.82 -6.19 36.66
CA LEU B 188 4.70 -5.93 37.79
C LEU B 188 4.16 -6.58 39.07
N GLN B 189 2.90 -6.29 39.40
CA GLN B 189 2.31 -6.86 40.60
C GLN B 189 2.24 -8.39 40.51
N ASN B 190 1.96 -8.92 39.32
CA ASN B 190 1.87 -10.36 39.12
C ASN B 190 3.20 -11.00 38.73
N GLY B 191 4.25 -10.20 38.56
CA GLY B 191 5.59 -10.73 38.44
C GLY B 191 6.00 -11.21 37.07
N GLU B 192 5.21 -10.96 36.04
CA GLU B 192 5.67 -11.28 34.70
C GLU B 192 6.41 -10.09 34.10
N SER B 193 7.27 -10.39 33.13
CA SER B 193 8.28 -9.45 32.66
C SER B 193 7.65 -8.18 32.09
N CYS B 194 8.46 -7.11 32.12
CA CYS B 194 8.05 -5.81 31.58
C CYS B 194 9.21 -5.08 30.89
N GLU B 195 10.26 -5.79 30.50
CA GLU B 195 11.41 -5.14 29.85
C GLU B 195 11.20 -4.92 28.36
N ASP B 196 10.07 -5.36 27.81
CA ASP B 196 9.68 -5.02 26.44
C ASP B 196 8.76 -3.82 26.38
N LEU B 197 8.17 -3.42 27.49
CA LEU B 197 7.12 -2.39 27.51
C LEU B 197 7.62 -1.05 28.02
N LEU B 198 8.85 -0.99 28.54
CA LEU B 198 9.29 0.10 29.38
C LEU B 198 10.75 0.42 29.10
N PRO B 199 11.13 1.69 29.08
CA PRO B 199 12.57 2.01 29.05
C PRO B 199 13.27 1.41 30.26
N GLU B 200 14.49 0.94 30.03
CA GLU B 200 15.28 0.32 31.09
C GLU B 200 15.64 1.32 32.19
N PRO B 201 15.98 2.57 31.87
CA PRO B 201 16.11 3.57 32.94
C PRO B 201 14.87 3.70 33.81
N VAL B 202 13.68 3.71 33.19
CA VAL B 202 12.44 3.91 33.94
C VAL B 202 12.05 2.63 34.69
N LEU B 203 12.19 1.47 34.04
CA LEU B 203 11.94 0.22 34.73
C LEU B 203 12.87 0.04 35.93
N THR B 204 14.05 0.67 35.89
CA THR B 204 14.97 0.60 37.02
C THR B 204 14.49 1.48 38.18
N TYR B 205 13.99 2.68 37.87
CA TYR B 205 13.43 3.56 38.88
C TYR B 205 12.28 2.88 39.62
N ILE B 206 11.44 2.16 38.89
CA ILE B 206 10.28 1.51 39.48
C ILE B 206 10.70 0.43 40.48
N ASN B 207 11.73 -0.34 40.14
CA ASN B 207 12.18 -1.39 41.06
C ASN B 207 12.96 -0.80 42.22
N GLN B 208 13.71 0.27 41.98
CA GLN B 208 14.39 0.97 43.07
C GLN B 208 13.40 1.55 44.07
N GLN B 209 12.44 2.35 43.58
CA GLN B 209 11.45 2.95 44.46
C GLN B 209 10.44 1.95 44.97
N GLY B 210 10.31 0.81 44.31
CA GLY B 210 9.33 -0.18 44.71
C GLY B 210 7.94 0.04 44.15
N LEU B 211 7.83 0.78 43.06
CA LEU B 211 6.54 1.18 42.54
C LEU B 211 5.81 -0.02 41.93
N TYR B 212 4.48 0.03 42.02
CA TYR B 212 3.58 -0.90 41.33
C TYR B 212 3.81 -2.34 41.76
N ARG B 213 4.13 -2.53 43.04
CA ARG B 213 4.29 -3.88 43.58
C ARG B 213 3.42 -4.04 44.83
N MET C 1 19.13 16.99 -62.44
CA MET C 1 18.30 16.21 -61.53
C MET C 1 16.93 16.84 -61.38
N LYS C 2 16.18 16.39 -60.37
CA LYS C 2 14.90 16.98 -60.04
C LYS C 2 15.09 18.04 -58.95
N SER C 3 14.03 18.81 -58.70
CA SER C 3 14.08 19.85 -57.69
C SER C 3 14.24 19.22 -56.30
N LEU C 4 14.93 19.96 -55.43
CA LEU C 4 15.05 19.54 -54.04
C LEU C 4 13.67 19.35 -53.42
N GLN C 5 13.52 18.29 -52.63
CA GLN C 5 12.30 17.99 -51.92
C GLN C 5 12.59 17.99 -50.42
N ALA C 6 11.84 18.78 -49.67
CA ALA C 6 11.96 18.83 -48.22
C ALA C 6 10.80 18.09 -47.58
N LEU C 7 11.10 17.31 -46.56
CA LEU C 7 10.09 16.63 -45.76
C LEU C 7 9.97 17.33 -44.42
N PHE C 8 8.77 17.27 -43.84
CA PHE C 8 8.47 18.03 -42.64
C PHE C 8 7.40 17.29 -41.85
N GLY C 9 7.75 16.82 -40.65
CA GLY C 9 6.91 15.93 -39.89
C GLY C 9 6.44 16.54 -38.57
N GLY C 10 5.73 15.72 -37.83
CA GLY C 10 5.18 16.12 -36.54
C GLY C 10 3.91 15.34 -36.25
N THR C 11 3.34 15.64 -35.08
CA THR C 11 2.07 15.02 -34.70
C THR C 11 0.88 15.76 -35.30
N PHE C 12 0.94 17.10 -35.30
CA PHE C 12 -0.07 17.97 -35.89
C PHE C 12 -1.39 17.81 -35.17
N ASP C 13 -1.52 18.47 -34.02
CA ASP C 13 -2.66 18.28 -33.13
C ASP C 13 -2.91 19.59 -32.40
N PRO C 14 -3.35 20.64 -33.12
CA PRO C 14 -3.60 20.72 -34.56
C PRO C 14 -2.43 21.30 -35.35
N VAL C 15 -2.60 21.41 -36.66
CA VAL C 15 -1.67 22.17 -37.50
C VAL C 15 -1.97 23.66 -37.31
N HIS C 16 -0.92 24.48 -37.33
CA HIS C 16 -1.10 25.91 -37.11
C HIS C 16 -0.08 26.69 -37.94
N TYR C 17 -0.15 28.03 -37.81
CA TYR C 17 0.74 28.92 -38.54
C TYR C 17 2.20 28.58 -38.30
N GLY C 18 2.54 28.08 -37.11
CA GLY C 18 3.91 27.76 -36.80
C GLY C 18 4.49 26.75 -37.77
N HIS C 19 3.73 25.70 -38.06
CA HIS C 19 4.22 24.70 -39.01
C HIS C 19 4.20 25.24 -40.44
N LEU C 20 3.14 25.97 -40.81
CA LEU C 20 3.00 26.42 -42.18
C LEU C 20 3.89 27.62 -42.48
N LYS C 21 3.77 28.69 -41.69
CA LYS C 21 4.54 29.90 -41.97
C LYS C 21 6.04 29.69 -41.82
N LYS C 22 6.46 28.84 -40.87
CA LYS C 22 7.88 28.61 -40.67
C LYS C 22 8.52 27.98 -41.91
N VAL C 23 7.81 27.05 -42.55
CA VAL C 23 8.39 26.30 -43.66
C VAL C 23 8.34 27.09 -44.96
N GLU C 24 7.22 27.79 -45.22
CA GLU C 24 7.15 28.57 -46.45
C GLU C 24 8.00 29.84 -46.39
N THR C 25 8.26 30.36 -45.18
CA THR C 25 9.23 31.44 -45.07
C THR C 25 10.63 30.94 -45.41
N LEU C 26 10.96 29.73 -44.96
CA LEU C 26 12.20 29.07 -45.33
C LEU C 26 12.32 28.96 -46.84
N ALA C 27 11.27 28.43 -47.48
CA ALA C 27 11.30 28.11 -48.91
C ALA C 27 11.62 29.31 -49.78
N ASN C 28 11.43 30.53 -49.26
CA ASN C 28 11.67 31.74 -50.05
C ASN C 28 13.12 32.20 -50.02
N LEU C 29 13.90 31.78 -49.03
CA LEU C 29 15.34 32.08 -49.00
C LEU C 29 16.20 30.86 -49.28
N ILE C 30 15.58 29.71 -49.59
CA ILE C 30 16.31 28.48 -49.85
C ILE C 30 16.02 27.89 -51.23
N GLY C 31 14.90 28.23 -51.85
CA GLY C 31 14.59 27.69 -53.16
C GLY C 31 13.74 26.44 -53.15
N LEU C 32 13.02 26.18 -52.05
CA LEU C 32 12.16 25.00 -51.97
C LEU C 32 10.91 25.20 -52.81
N THR C 33 10.63 24.23 -53.68
CA THR C 33 9.40 24.21 -54.44
C THR C 33 8.45 23.11 -53.99
N ARG C 34 8.91 22.17 -53.17
CA ARG C 34 8.08 21.04 -52.75
C ARG C 34 8.38 20.67 -51.31
N VAL C 35 7.34 20.60 -50.49
CA VAL C 35 7.44 20.15 -49.11
C VAL C 35 6.33 19.14 -48.87
N THR C 36 6.69 17.93 -48.46
CA THR C 36 5.74 16.88 -48.14
C THR C 36 5.62 16.76 -46.62
N ILE C 37 4.38 16.78 -46.12
CA ILE C 37 4.10 16.77 -44.69
C ILE C 37 3.78 15.34 -44.28
N ILE C 38 4.50 14.84 -43.29
CA ILE C 38 4.37 13.45 -42.84
C ILE C 38 3.90 13.42 -41.40
N PRO C 39 2.59 13.44 -41.14
CA PRO C 39 2.12 13.39 -39.75
C PRO C 39 2.31 12.00 -39.16
N ASN C 40 2.73 11.97 -37.90
CA ASN C 40 3.19 10.75 -37.27
C ASN C 40 2.11 10.11 -36.40
N ASN C 41 2.44 8.93 -35.90
CA ASN C 41 1.68 8.27 -34.84
C ASN C 41 2.57 8.22 -33.60
N VAL C 42 2.07 8.77 -32.51
CA VAL C 42 2.89 8.93 -31.30
C VAL C 42 2.99 7.58 -30.59
N PRO C 43 4.20 7.15 -30.22
CA PRO C 43 4.34 5.83 -29.61
C PRO C 43 3.55 5.74 -28.32
N PRO C 44 3.13 4.54 -27.94
CA PRO C 44 2.16 4.42 -26.83
C PRO C 44 2.64 4.95 -25.50
N HIS C 45 3.95 5.09 -25.29
CA HIS C 45 4.49 5.52 -24.01
C HIS C 45 4.54 7.03 -23.88
N ARG C 46 3.93 7.78 -24.78
CA ARG C 46 3.83 9.21 -24.71
C ARG C 46 2.37 9.62 -24.67
N PRO C 47 2.06 10.81 -24.17
CA PRO C 47 0.69 11.34 -24.27
C PRO C 47 0.19 11.27 -25.71
N GLN C 48 -0.96 10.61 -25.88
CA GLN C 48 -1.51 10.41 -27.22
C GLN C 48 -2.20 11.68 -27.72
N PRO C 49 -2.26 11.85 -29.04
CA PRO C 49 -2.80 13.10 -29.60
C PRO C 49 -4.25 13.33 -29.18
N GLU C 50 -4.60 14.61 -29.06
CA GLU C 50 -5.97 14.97 -28.68
C GLU C 50 -6.95 14.73 -29.83
N ALA C 51 -6.54 15.04 -31.06
CA ALA C 51 -7.34 14.79 -32.25
C ALA C 51 -6.93 13.45 -32.86
N ASN C 52 -7.92 12.67 -33.28
CA ASN C 52 -7.64 11.32 -33.75
C ASN C 52 -6.93 11.36 -35.10
N SER C 53 -6.63 10.16 -35.62
CA SER C 53 -5.83 10.06 -36.83
C SER C 53 -6.53 10.69 -38.02
N VAL C 54 -7.86 10.63 -38.06
CA VAL C 54 -8.61 11.21 -39.18
C VAL C 54 -8.63 12.72 -39.07
N GLN C 55 -9.08 13.24 -37.93
CA GLN C 55 -9.22 14.69 -37.75
C GLN C 55 -7.90 15.40 -37.99
N ARG C 56 -6.80 14.84 -37.48
CA ARG C 56 -5.50 15.44 -37.73
C ARG C 56 -5.18 15.46 -39.22
N LYS C 57 -5.66 14.48 -39.98
CA LYS C 57 -5.48 14.50 -41.43
C LYS C 57 -6.38 15.56 -42.08
N HIS C 58 -7.64 15.61 -41.66
CA HIS C 58 -8.58 16.58 -42.20
C HIS C 58 -8.09 18.00 -41.96
N MET C 59 -7.74 18.33 -40.71
CA MET C 59 -7.19 19.64 -40.40
C MET C 59 -5.97 19.95 -41.27
N LEU C 60 -5.17 18.93 -41.62
CA LEU C 60 -4.06 19.15 -42.52
C LEU C 60 -4.55 19.39 -43.95
N GLU C 61 -5.43 18.51 -44.45
CA GLU C 61 -5.95 18.67 -45.80
C GLU C 61 -6.59 20.05 -46.01
N LEU C 62 -7.18 20.62 -44.95
CA LEU C 62 -7.84 21.91 -45.07
C LEU C 62 -6.85 23.06 -45.06
N ALA C 63 -5.71 22.92 -44.40
CA ALA C 63 -4.67 23.94 -44.38
C ALA C 63 -3.67 23.78 -45.52
N ILE C 64 -3.80 22.71 -46.32
CA ILE C 64 -2.84 22.36 -47.35
C ILE C 64 -3.40 22.53 -48.76
N ALA C 65 -4.72 22.73 -48.91
CA ALA C 65 -5.33 22.68 -50.22
C ALA C 65 -5.15 23.97 -51.01
N ASP C 66 -5.10 25.12 -50.32
CA ASP C 66 -4.92 26.41 -50.97
C ASP C 66 -3.45 26.79 -51.11
N LYS C 67 -2.52 25.90 -50.77
CA LYS C 67 -1.09 26.20 -50.79
C LYS C 67 -0.35 25.20 -51.67
N PRO C 68 0.16 25.61 -52.81
CA PRO C 68 0.81 24.66 -53.73
C PRO C 68 2.12 24.11 -53.22
N LEU C 69 2.76 24.76 -52.23
CA LEU C 69 4.05 24.28 -51.74
C LEU C 69 3.93 22.93 -51.04
N PHE C 70 2.89 22.77 -50.22
CA PHE C 70 2.78 21.60 -49.36
C PHE C 70 1.97 20.50 -50.01
N THR C 71 2.42 19.25 -49.81
CA THR C 71 1.67 18.06 -50.16
C THR C 71 1.70 17.11 -48.98
N LEU C 72 0.69 16.23 -48.90
CA LEU C 72 0.43 15.43 -47.72
C LEU C 72 0.78 13.97 -47.97
N ASP C 73 1.46 13.36 -47.00
CA ASP C 73 1.82 11.95 -47.02
C ASP C 73 1.34 11.33 -45.71
N GLU C 74 0.42 10.38 -45.80
CA GLU C 74 -0.08 9.68 -44.61
C GLU C 74 0.52 8.29 -44.48
N ARG C 75 1.83 8.15 -44.71
CA ARG C 75 2.52 6.90 -44.43
C ARG C 75 2.26 6.44 -43.01
N GLU C 76 2.67 7.26 -42.05
CA GLU C 76 2.68 6.84 -40.64
C GLU C 76 1.29 6.80 -40.04
N LEU C 77 0.31 7.45 -40.67
CA LEU C 77 -1.07 7.32 -40.20
C LEU C 77 -1.63 5.95 -40.56
N LYS C 78 -1.18 5.36 -41.66
CA LYS C 78 -1.60 4.04 -42.09
C LYS C 78 -0.62 2.95 -41.72
N ARG C 79 0.42 3.27 -40.96
CA ARG C 79 1.44 2.29 -40.59
C ARG C 79 1.09 1.60 -39.27
N ASN C 80 1.34 0.30 -39.21
CA ASN C 80 1.18 -0.44 -37.96
C ASN C 80 2.21 0.00 -36.92
N ALA C 81 3.47 0.10 -37.33
CA ALA C 81 4.57 0.36 -36.42
C ALA C 81 4.56 1.82 -35.95
N PRO C 82 5.30 2.14 -34.88
CA PRO C 82 5.42 3.54 -34.48
C PRO C 82 6.32 4.32 -35.42
N SER C 83 6.06 5.62 -35.52
CA SER C 83 6.80 6.48 -36.43
C SER C 83 8.25 6.58 -35.99
N VAL C 84 9.16 6.19 -36.88
CA VAL C 84 10.60 6.31 -36.67
C VAL C 84 11.19 6.98 -37.90
N THR C 85 11.93 8.07 -37.69
CA THR C 85 12.35 8.90 -38.81
C THR C 85 13.35 8.17 -39.71
N ALA C 86 14.25 7.39 -39.13
CA ALA C 86 15.13 6.55 -39.94
C ALA C 86 14.34 5.56 -40.78
N GLN C 87 13.11 5.24 -40.38
CA GLN C 87 12.29 4.34 -41.17
C GLN C 87 11.64 5.05 -42.36
N THR C 88 11.13 6.27 -42.14
CA THR C 88 10.46 6.99 -43.23
C THR C 88 11.46 7.53 -44.24
N LEU C 89 12.58 8.10 -43.77
CA LEU C 89 13.58 8.64 -44.69
C LEU C 89 14.25 7.53 -45.48
N LYS C 90 14.43 6.35 -44.89
CA LYS C 90 14.94 5.21 -45.64
C LYS C 90 14.01 4.83 -46.78
N GLU C 91 12.70 4.97 -46.56
CA GLU C 91 11.72 4.59 -47.57
C GLU C 91 11.61 5.63 -48.68
N TRP C 92 11.71 6.91 -48.34
CA TRP C 92 11.68 7.94 -49.37
C TRP C 92 12.86 7.79 -50.32
N ARG C 93 14.06 7.64 -49.77
CA ARG C 93 15.24 7.34 -50.58
C ARG C 93 14.98 6.15 -51.51
N GLN C 94 14.40 5.08 -50.95
CA GLN C 94 14.14 3.87 -51.74
C GLN C 94 13.25 4.16 -52.93
N GLU C 95 12.14 4.87 -52.70
CA GLU C 95 11.16 5.12 -53.75
C GLU C 95 11.56 6.27 -54.66
N GLN C 96 12.39 7.20 -54.18
CA GLN C 96 12.70 8.41 -54.93
C GLN C 96 13.98 8.31 -55.74
N GLY C 97 14.85 7.34 -55.46
CA GLY C 97 16.08 7.20 -56.19
C GLY C 97 17.26 7.76 -55.42
N PRO C 98 18.47 7.31 -55.76
CA PRO C 98 19.67 7.72 -55.02
C PRO C 98 20.30 9.03 -55.48
N ASP C 99 19.79 9.66 -56.54
CA ASP C 99 20.41 10.86 -57.09
C ASP C 99 19.59 12.12 -56.88
N VAL C 100 18.39 12.01 -56.33
CA VAL C 100 17.53 13.18 -56.15
C VAL C 100 17.76 13.77 -54.77
N PRO C 101 17.73 15.09 -54.62
CA PRO C 101 17.98 15.71 -53.31
C PRO C 101 16.78 15.52 -52.39
N LEU C 102 17.04 14.97 -51.20
CA LEU C 102 16.05 14.81 -50.16
C LEU C 102 16.50 15.56 -48.92
N ALA C 103 15.57 16.28 -48.30
CA ALA C 103 15.86 17.07 -47.11
C ALA C 103 14.76 16.88 -46.08
N PHE C 104 15.16 16.81 -44.82
CA PHE C 104 14.25 16.69 -43.67
C PHE C 104 14.37 17.95 -42.83
N ILE C 105 13.25 18.42 -42.30
CA ILE C 105 13.19 19.69 -41.57
C ILE C 105 13.02 19.39 -40.09
N ILE C 106 13.89 19.99 -39.27
CA ILE C 106 13.79 19.91 -37.82
C ILE C 106 14.14 21.29 -37.25
N GLY C 107 13.56 21.60 -36.09
CA GLY C 107 13.92 22.81 -35.40
C GLY C 107 15.25 22.68 -34.69
N GLN C 108 15.78 23.83 -34.25
CA GLN C 108 17.08 23.84 -33.58
C GLN C 108 17.02 23.10 -32.24
N ASP C 109 15.94 23.29 -31.49
CA ASP C 109 15.80 22.59 -30.22
C ASP C 109 15.79 21.08 -30.39
N SER C 110 15.32 20.60 -31.55
CA SER C 110 15.39 19.17 -31.84
C SER C 110 16.77 18.75 -32.31
N LEU C 111 17.60 19.69 -32.77
CA LEU C 111 18.97 19.38 -33.18
C LEU C 111 19.89 19.23 -31.97
N LEU C 112 19.68 20.05 -30.94
CA LEU C 112 20.37 19.84 -29.67
C LEU C 112 20.14 18.42 -29.17
N THR C 113 18.87 18.00 -29.15
CA THR C 113 18.48 16.66 -28.74
C THR C 113 18.64 15.63 -29.84
N PHE C 114 19.15 16.03 -31.01
CA PHE C 114 19.20 15.13 -32.16
C PHE C 114 19.88 13.79 -31.91
N PRO C 115 21.00 13.71 -31.18
CA PRO C 115 21.61 12.38 -30.96
C PRO C 115 20.74 11.43 -30.17
N THR C 116 19.69 11.93 -29.50
CA THR C 116 18.72 11.03 -28.88
C THR C 116 17.95 10.22 -29.91
N TRP C 117 17.89 10.71 -31.14
CA TRP C 117 17.13 10.05 -32.21
C TRP C 117 17.60 8.61 -32.41
N ASP C 118 16.63 7.75 -32.76
CA ASP C 118 16.91 6.35 -33.06
C ASP C 118 17.52 6.27 -34.46
N GLU C 119 18.80 5.89 -34.52
CA GLU C 119 19.59 5.85 -35.75
C GLU C 119 19.84 7.25 -36.31
N TYR C 120 20.52 8.09 -35.53
CA TYR C 120 20.99 9.34 -36.08
C TYR C 120 22.13 9.13 -37.06
N GLU C 121 22.58 7.89 -37.24
CA GLU C 121 23.54 7.55 -38.27
C GLU C 121 22.89 7.47 -39.65
N THR C 122 21.77 6.76 -39.75
CA THR C 122 21.16 6.46 -41.05
C THR C 122 20.52 7.69 -41.70
N ILE C 123 20.26 8.76 -40.94
CA ILE C 123 19.52 9.89 -41.47
C ILE C 123 20.33 10.61 -42.54
N LEU C 124 21.54 11.07 -42.17
CA LEU C 124 22.35 11.82 -43.13
C LEU C 124 22.91 10.95 -44.25
N ASP C 125 22.69 9.62 -44.21
CA ASP C 125 23.01 8.77 -45.35
C ASP C 125 21.98 8.92 -46.46
N ASN C 126 20.73 9.27 -46.12
CA ASN C 126 19.64 9.30 -47.08
C ASN C 126 19.09 10.70 -47.36
N ALA C 127 19.40 11.68 -46.52
CA ALA C 127 18.85 13.01 -46.70
C ALA C 127 19.76 14.04 -46.07
N HIS C 128 19.60 15.29 -46.51
CA HIS C 128 20.11 16.42 -45.76
C HIS C 128 19.21 16.64 -44.54
N LEU C 129 19.54 17.65 -43.74
CA LEU C 129 18.61 18.12 -42.73
C LEU C 129 18.77 19.63 -42.59
N ILE C 130 17.66 20.34 -42.77
CA ILE C 130 17.60 21.79 -42.62
C ILE C 130 17.08 22.07 -41.22
N VAL C 131 17.87 22.80 -40.44
CA VAL C 131 17.54 23.07 -39.03
C VAL C 131 16.98 24.48 -38.92
N LEU C 132 15.83 24.60 -38.27
CA LEU C 132 15.14 25.88 -38.12
C LEU C 132 15.70 26.60 -36.91
N ARG C 133 16.39 27.70 -37.16
CA ARG C 133 17.19 28.39 -36.14
C ARG C 133 16.30 29.04 -35.09
N ARG C 134 16.40 28.56 -33.85
CA ARG C 134 15.74 29.17 -32.72
C ARG C 134 16.55 30.36 -32.22
N PRO C 135 16.13 31.59 -32.49
CA PRO C 135 16.98 32.75 -32.19
C PRO C 135 17.14 32.95 -30.69
N GLY C 136 18.34 33.40 -30.31
CA GLY C 136 18.69 33.61 -28.93
C GLY C 136 19.34 32.42 -28.24
N TYR C 137 19.15 31.22 -28.78
CA TYR C 137 19.71 30.03 -28.18
C TYR C 137 21.09 29.72 -28.75
N PRO C 138 21.96 29.10 -27.96
CA PRO C 138 23.22 28.59 -28.52
C PRO C 138 23.00 27.35 -29.36
N LEU C 139 24.09 26.79 -29.89
CA LEU C 139 24.06 25.61 -30.73
C LEU C 139 24.68 24.42 -30.02
N GLU C 140 24.61 24.40 -28.69
CA GLU C 140 25.36 23.45 -27.88
C GLU C 140 24.78 22.04 -28.02
N MET C 141 25.56 21.16 -28.65
CA MET C 141 25.21 19.75 -28.64
C MET C 141 25.59 19.14 -27.30
N ALA C 142 24.82 18.13 -26.89
CA ALA C 142 24.87 17.64 -25.51
C ALA C 142 26.25 17.13 -25.15
N GLN C 143 26.74 16.12 -25.88
CA GLN C 143 28.04 15.52 -25.63
C GLN C 143 29.03 15.99 -26.69
N PRO C 144 30.11 16.68 -26.32
CA PRO C 144 31.01 17.27 -27.33
C PRO C 144 31.74 16.26 -28.21
N GLN C 145 31.15 15.10 -28.48
CA GLN C 145 31.61 14.25 -29.57
C GLN C 145 30.69 14.31 -30.78
N TYR C 146 29.41 14.63 -30.58
CA TYR C 146 28.55 15.05 -31.69
C TYR C 146 28.34 16.57 -31.71
N GLN C 147 29.26 17.32 -31.10
CA GLN C 147 29.53 18.70 -31.51
C GLN C 147 30.50 18.73 -32.69
N GLN C 148 31.42 17.77 -32.74
CA GLN C 148 32.26 17.59 -33.92
C GLN C 148 31.46 17.08 -35.10
N TRP C 149 30.44 16.25 -34.82
CA TRP C 149 29.55 15.73 -35.86
C TRP C 149 28.89 16.87 -36.62
N LEU C 150 28.46 17.92 -35.92
CA LEU C 150 27.78 19.04 -36.55
C LEU C 150 28.71 19.79 -37.49
N GLU C 151 29.88 20.18 -37.00
CA GLU C 151 30.83 20.93 -37.83
C GLU C 151 31.39 20.09 -38.98
N ASP C 152 31.31 18.76 -38.88
CA ASP C 152 31.75 17.92 -39.97
C ASP C 152 30.81 17.99 -41.17
N HIS C 153 29.50 18.17 -40.92
CA HIS C 153 28.51 18.17 -41.99
C HIS C 153 27.83 19.51 -42.22
N LEU C 154 28.05 20.49 -41.34
CA LEU C 154 27.45 21.81 -41.51
C LEU C 154 27.92 22.43 -42.82
N THR C 155 27.08 23.30 -43.38
CA THR C 155 27.37 23.93 -44.66
C THR C 155 26.67 25.28 -44.71
N HIS C 156 27.32 26.24 -45.38
CA HIS C 156 26.82 27.60 -45.44
C HIS C 156 26.36 28.02 -46.83
N ASN C 157 26.40 27.12 -47.81
CA ASN C 157 25.94 27.39 -49.17
C ASN C 157 24.72 26.53 -49.47
N PRO C 158 23.55 27.12 -49.68
CA PRO C 158 22.33 26.30 -49.88
C PRO C 158 22.37 25.44 -51.12
N GLU C 159 23.32 25.65 -52.03
CA GLU C 159 23.40 24.83 -53.24
C GLU C 159 23.62 23.35 -52.91
N ASP C 160 24.39 23.08 -51.85
CA ASP C 160 24.73 21.69 -51.51
C ASP C 160 23.48 20.85 -51.28
N LEU C 161 22.40 21.46 -50.78
CA LEU C 161 21.14 20.74 -50.68
C LEU C 161 20.57 20.43 -52.06
N HIS C 162 20.84 21.28 -53.05
CA HIS C 162 20.24 21.16 -54.37
C HIS C 162 21.08 20.37 -55.36
N LEU C 163 22.37 20.19 -55.10
CA LEU C 163 23.26 19.55 -56.07
C LEU C 163 23.87 18.25 -55.56
N GLN C 164 23.47 17.79 -54.39
CA GLN C 164 23.89 16.51 -53.83
C GLN C 164 22.65 15.78 -53.29
N PRO C 165 22.70 14.45 -53.21
CA PRO C 165 21.54 13.72 -52.68
C PRO C 165 21.35 13.87 -51.18
N ALA C 166 22.42 13.98 -50.40
CA ALA C 166 22.30 13.96 -48.95
C ALA C 166 23.63 14.38 -48.32
N GLY C 167 23.66 14.35 -46.97
CA GLY C 167 24.89 14.39 -46.21
C GLY C 167 25.21 15.68 -45.49
N LYS C 168 24.45 16.75 -45.70
CA LYS C 168 24.82 18.07 -45.19
C LYS C 168 23.76 18.59 -44.22
N ILE C 169 24.10 19.70 -43.54
CA ILE C 169 23.27 20.30 -42.51
C ILE C 169 23.30 21.81 -42.70
N TYR C 170 22.13 22.41 -42.94
CA TYR C 170 22.01 23.84 -43.15
C TYR C 170 21.18 24.46 -42.02
N LEU C 171 21.63 25.62 -41.54
CA LEU C 171 20.93 26.38 -40.52
C LEU C 171 20.23 27.56 -41.17
N ALA C 172 18.94 27.74 -40.86
CA ALA C 172 18.12 28.74 -41.52
C ALA C 172 17.43 29.62 -40.49
N GLU C 173 17.59 30.93 -40.64
CA GLU C 173 16.95 31.88 -39.73
C GLU C 173 15.44 31.91 -40.00
N THR C 174 14.66 31.81 -38.93
CA THR C 174 13.21 31.92 -39.04
C THR C 174 12.68 33.00 -38.12
N PRO C 175 11.57 33.63 -38.47
CA PRO C 175 10.91 34.53 -37.53
C PRO C 175 10.39 33.78 -36.31
N TYR C 176 10.11 34.54 -35.26
CA TYR C 176 9.49 33.97 -34.07
C TYR C 176 7.98 34.07 -34.17
N PHE C 177 7.31 33.01 -33.71
CA PHE C 177 5.87 32.99 -33.54
C PHE C 177 5.56 32.43 -32.16
N ASN C 178 4.71 33.12 -31.42
CA ASN C 178 4.37 32.72 -30.05
C ASN C 178 3.25 31.68 -30.04
N ILE C 179 3.39 30.63 -30.85
CA ILE C 179 2.34 29.62 -30.97
C ILE C 179 2.96 28.22 -30.96
N SER C 180 2.28 27.31 -30.29
CA SER C 180 2.55 25.88 -30.35
C SER C 180 1.20 25.17 -30.34
N ALA C 181 1.23 23.83 -30.33
CA ALA C 181 -0.01 23.09 -30.23
C ALA C 181 -0.64 23.23 -28.85
N THR C 182 0.19 23.32 -27.80
CA THR C 182 -0.33 23.42 -26.44
C THR C 182 -0.88 24.82 -26.14
N ILE C 183 -0.20 25.87 -26.63
CA ILE C 183 -0.74 27.22 -26.49
C ILE C 183 -2.16 27.27 -27.02
N ILE C 184 -2.36 26.74 -28.24
CA ILE C 184 -3.69 26.71 -28.84
C ILE C 184 -4.69 26.05 -27.91
N ARG C 185 -4.37 24.86 -27.41
CA ARG C 185 -5.34 24.06 -26.67
C ARG C 185 -5.81 24.79 -25.41
N GLU C 186 -4.91 25.52 -24.76
CA GLU C 186 -5.32 26.27 -23.56
C GLU C 186 -6.17 27.48 -23.94
N ARG C 187 -5.83 28.17 -25.02
CA ARG C 187 -6.66 29.27 -25.50
C ARG C 187 -8.07 28.78 -25.83
N LEU C 188 -8.18 27.57 -26.41
CA LEU C 188 -9.48 27.01 -26.73
C LEU C 188 -10.22 26.58 -25.46
N GLN C 189 -9.53 25.84 -24.58
CA GLN C 189 -10.18 25.37 -23.35
C GLN C 189 -10.60 26.54 -22.47
N ASN C 190 -9.73 27.55 -22.33
CA ASN C 190 -10.08 28.72 -21.54
C ASN C 190 -10.94 29.71 -22.30
N GLY C 191 -10.99 29.60 -23.63
CA GLY C 191 -11.99 30.32 -24.40
C GLY C 191 -11.66 31.75 -24.79
N GLU C 192 -10.38 32.08 -24.92
CA GLU C 192 -10.02 33.36 -25.51
C GLU C 192 -9.65 33.17 -26.97
N SER C 193 -9.82 34.24 -27.76
CA SER C 193 -9.82 34.15 -29.22
C SER C 193 -8.52 33.59 -29.78
N CYS C 194 -8.58 33.20 -31.06
CA CYS C 194 -7.44 32.54 -31.69
C CYS C 194 -7.29 32.83 -33.18
N GLU C 195 -7.91 33.88 -33.71
CA GLU C 195 -7.96 34.08 -35.16
C GLU C 195 -6.60 34.40 -35.77
N ASP C 196 -5.52 34.46 -34.99
CA ASP C 196 -4.21 34.84 -35.51
C ASP C 196 -3.16 33.74 -35.39
N LEU C 197 -3.53 32.54 -34.94
CA LEU C 197 -2.59 31.44 -34.87
C LEU C 197 -3.11 30.18 -35.55
N LEU C 198 -4.27 30.26 -36.21
CA LEU C 198 -4.89 29.10 -36.82
C LEU C 198 -5.52 29.52 -38.15
N PRO C 199 -5.30 28.78 -39.23
CA PRO C 199 -6.07 29.02 -40.45
C PRO C 199 -7.56 28.90 -40.19
N GLU C 200 -8.30 29.91 -40.64
CA GLU C 200 -9.75 29.94 -40.40
C GLU C 200 -10.46 28.64 -40.74
N PRO C 201 -10.13 27.92 -41.82
CA PRO C 201 -10.73 26.58 -41.98
C PRO C 201 -10.43 25.63 -40.83
N VAL C 202 -9.16 25.51 -40.42
CA VAL C 202 -8.83 24.59 -39.32
C VAL C 202 -9.53 25.01 -38.04
N LEU C 203 -9.52 26.32 -37.74
CA LEU C 203 -10.23 26.79 -36.56
C LEU C 203 -11.74 26.55 -36.68
N THR C 204 -12.28 26.66 -37.90
CA THR C 204 -13.70 26.35 -38.11
C THR C 204 -13.96 24.85 -37.99
N TYR C 205 -13.05 24.02 -38.51
CA TYR C 205 -13.20 22.58 -38.35
C TYR C 205 -13.12 22.17 -36.89
N ILE C 206 -12.26 22.84 -36.11
CA ILE C 206 -12.08 22.49 -34.70
C ILE C 206 -13.37 22.77 -33.93
N ASN C 207 -13.96 23.96 -34.15
CA ASN C 207 -15.18 24.31 -33.43
C ASN C 207 -16.35 23.41 -33.82
N GLN C 208 -16.37 22.91 -35.05
CA GLN C 208 -17.40 21.96 -35.45
C GLN C 208 -17.29 20.65 -34.69
N GLN C 209 -16.10 20.04 -34.71
CA GLN C 209 -15.91 18.75 -34.07
C GLN C 209 -15.81 18.84 -32.55
N GLY C 210 -15.71 20.05 -32.00
CA GLY C 210 -15.56 20.20 -30.57
C GLY C 210 -14.22 19.83 -30.03
N LEU C 211 -13.17 19.89 -30.84
CA LEU C 211 -11.85 19.48 -30.41
C LEU C 211 -11.26 20.51 -29.44
N TYR C 212 -10.48 20.00 -28.49
CA TYR C 212 -9.68 20.83 -27.57
C TYR C 212 -10.56 21.70 -26.67
N ARG C 213 -11.76 21.23 -26.35
CA ARG C 213 -12.65 21.97 -25.46
C ARG C 213 -13.14 21.06 -24.33
N MET D 1 -8.99 -50.57 -10.70
CA MET D 1 -9.27 -49.17 -10.41
C MET D 1 -10.07 -48.50 -11.52
N LYS D 2 -10.04 -47.17 -11.54
CA LYS D 2 -10.61 -46.41 -12.63
C LYS D 2 -9.56 -46.15 -13.71
N SER D 3 -10.01 -45.57 -14.82
CA SER D 3 -9.10 -45.24 -15.89
C SER D 3 -8.18 -44.09 -15.46
N LEU D 4 -7.00 -44.03 -16.10
CA LEU D 4 -6.12 -42.89 -15.93
C LEU D 4 -6.73 -41.66 -16.61
N GLN D 5 -6.71 -40.54 -15.91
CA GLN D 5 -7.25 -39.30 -16.44
C GLN D 5 -6.12 -38.29 -16.60
N ALA D 6 -5.91 -37.81 -17.82
CA ALA D 6 -4.87 -36.83 -18.12
C ALA D 6 -5.50 -35.46 -18.30
N LEU D 7 -4.82 -34.44 -17.78
CA LEU D 7 -5.23 -33.05 -17.94
C LEU D 7 -4.21 -32.30 -18.78
N PHE D 8 -4.70 -31.45 -19.68
CA PHE D 8 -3.84 -30.71 -20.59
C PHE D 8 -4.35 -29.29 -20.67
N GLY D 9 -3.57 -28.34 -20.16
CA GLY D 9 -3.97 -26.95 -20.09
C GLY D 9 -3.32 -26.10 -21.18
N GLY D 10 -3.53 -24.79 -21.05
CA GLY D 10 -2.97 -23.83 -21.99
C GLY D 10 -3.88 -22.68 -22.31
N THR D 11 -3.36 -21.70 -23.05
CA THR D 11 -4.17 -20.54 -23.44
C THR D 11 -5.07 -20.85 -24.62
N PHE D 12 -4.52 -21.52 -25.64
CA PHE D 12 -5.25 -21.90 -26.85
C PHE D 12 -5.80 -20.67 -27.57
N ASP D 13 -4.88 -19.86 -28.07
CA ASP D 13 -5.19 -18.65 -28.83
C ASP D 13 -4.45 -18.70 -30.17
N PRO D 14 -4.84 -19.61 -31.07
CA PRO D 14 -5.90 -20.62 -30.96
C PRO D 14 -5.38 -22.00 -30.57
N VAL D 15 -6.30 -22.96 -30.44
CA VAL D 15 -5.92 -24.36 -30.43
C VAL D 15 -5.54 -24.78 -31.85
N HIS D 16 -4.58 -25.70 -31.98
CA HIS D 16 -4.12 -26.12 -33.30
C HIS D 16 -3.72 -27.58 -33.26
N TYR D 17 -3.39 -28.11 -34.45
CA TYR D 17 -3.03 -29.52 -34.58
C TYR D 17 -1.80 -29.89 -33.78
N GLY D 18 -0.96 -28.91 -33.43
CA GLY D 18 0.18 -29.20 -32.58
C GLY D 18 -0.25 -29.66 -31.20
N HIS D 19 -1.26 -29.01 -30.62
CA HIS D 19 -1.80 -29.46 -29.34
C HIS D 19 -2.45 -30.83 -29.47
N LEU D 20 -3.31 -30.99 -30.49
CA LEU D 20 -4.11 -32.20 -30.61
C LEU D 20 -3.26 -33.40 -31.03
N LYS D 21 -2.60 -33.30 -32.19
CA LYS D 21 -1.85 -34.43 -32.72
C LYS D 21 -0.63 -34.81 -31.87
N LYS D 22 -0.19 -33.95 -30.96
CA LYS D 22 0.89 -34.32 -30.03
C LYS D 22 0.40 -35.20 -28.89
N VAL D 23 -0.84 -35.00 -28.44
CA VAL D 23 -1.36 -35.72 -27.29
C VAL D 23 -2.06 -37.02 -27.68
N GLU D 24 -2.77 -37.04 -28.81
CA GLU D 24 -3.32 -38.31 -29.28
C GLU D 24 -2.24 -39.25 -29.77
N THR D 25 -1.06 -38.72 -30.14
CA THR D 25 0.09 -39.57 -30.33
C THR D 25 0.58 -40.12 -29.00
N LEU D 26 0.70 -39.24 -28.00
CA LEU D 26 0.99 -39.67 -26.63
C LEU D 26 0.02 -40.76 -26.18
N ALA D 27 -1.28 -40.54 -26.42
CA ALA D 27 -2.30 -41.49 -26.01
C ALA D 27 -2.06 -42.87 -26.58
N ASN D 28 -1.44 -42.95 -27.75
CA ASN D 28 -1.19 -44.24 -28.37
C ASN D 28 0.02 -44.93 -27.79
N LEU D 29 1.00 -44.18 -27.27
CA LEU D 29 2.18 -44.82 -26.70
C LEU D 29 2.08 -45.05 -25.19
N ILE D 30 1.09 -44.46 -24.52
CA ILE D 30 1.00 -44.55 -23.07
C ILE D 30 -0.18 -45.42 -22.70
N GLY D 31 -1.19 -45.40 -23.55
CA GLY D 31 -2.39 -46.17 -23.30
C GLY D 31 -3.39 -45.49 -22.41
N LEU D 32 -3.52 -44.16 -22.52
CA LEU D 32 -4.53 -43.41 -21.80
C LEU D 32 -5.74 -43.21 -22.70
N THR D 33 -6.93 -43.31 -22.10
CA THR D 33 -8.19 -43.34 -22.84
C THR D 33 -8.99 -42.05 -22.73
N ARG D 34 -8.61 -41.13 -21.83
CA ARG D 34 -9.35 -39.90 -21.61
C ARG D 34 -8.37 -38.78 -21.34
N VAL D 35 -8.56 -37.65 -22.01
CA VAL D 35 -7.77 -36.43 -21.81
C VAL D 35 -8.73 -35.26 -21.66
N THR D 36 -8.55 -34.47 -20.61
CA THR D 36 -9.37 -33.30 -20.33
C THR D 36 -8.56 -32.05 -20.64
N ILE D 37 -8.98 -31.32 -21.68
CA ILE D 37 -8.37 -30.03 -22.00
C ILE D 37 -8.94 -28.99 -21.05
N ILE D 38 -8.05 -28.31 -20.33
CA ILE D 38 -8.45 -27.30 -19.36
C ILE D 38 -7.93 -25.95 -19.84
N PRO D 39 -8.71 -25.20 -20.61
CA PRO D 39 -8.25 -23.89 -21.06
C PRO D 39 -8.04 -22.95 -19.88
N ASN D 40 -6.99 -22.15 -19.98
CA ASN D 40 -6.61 -21.24 -18.91
C ASN D 40 -7.03 -19.82 -19.24
N ASN D 41 -6.98 -18.96 -18.22
CA ASN D 41 -7.11 -17.52 -18.37
C ASN D 41 -5.80 -16.88 -17.93
N VAL D 42 -5.35 -15.91 -18.69
CA VAL D 42 -4.04 -15.30 -18.47
C VAL D 42 -4.17 -14.18 -17.44
N PRO D 43 -3.37 -14.20 -16.37
CA PRO D 43 -3.37 -13.08 -15.44
C PRO D 43 -2.86 -11.81 -16.13
N PRO D 44 -3.37 -10.64 -15.75
CA PRO D 44 -3.03 -9.41 -16.49
C PRO D 44 -1.54 -9.04 -16.46
N HIS D 45 -0.70 -9.71 -15.69
CA HIS D 45 0.73 -9.40 -15.74
C HIS D 45 1.43 -10.05 -16.92
N ARG D 46 0.67 -10.51 -17.91
CA ARG D 46 1.16 -10.95 -19.20
C ARG D 46 0.33 -10.31 -20.30
N PRO D 47 0.91 -10.12 -21.48
CA PRO D 47 0.09 -9.73 -22.64
C PRO D 47 -1.09 -10.66 -22.82
N GLN D 48 -2.27 -10.08 -22.96
CA GLN D 48 -3.50 -10.85 -23.02
C GLN D 48 -3.69 -11.46 -24.41
N PRO D 49 -4.46 -12.55 -24.49
CA PRO D 49 -4.73 -13.17 -25.80
C PRO D 49 -5.51 -12.24 -26.73
N GLU D 50 -5.46 -12.58 -28.02
CA GLU D 50 -6.21 -11.83 -29.02
C GLU D 50 -7.68 -12.25 -29.04
N ALA D 51 -7.93 -13.56 -29.01
CA ALA D 51 -9.30 -14.08 -28.97
C ALA D 51 -9.78 -14.15 -27.52
N ASN D 52 -11.04 -13.79 -27.30
CA ASN D 52 -11.56 -13.68 -25.95
C ASN D 52 -12.03 -15.04 -25.42
N SER D 53 -12.44 -15.04 -24.15
CA SER D 53 -12.74 -16.28 -23.44
C SER D 53 -13.81 -17.11 -24.13
N VAL D 54 -14.77 -16.47 -24.78
CA VAL D 54 -15.81 -17.22 -25.50
C VAL D 54 -15.24 -17.80 -26.79
N GLN D 55 -14.58 -16.96 -27.58
CA GLN D 55 -14.05 -17.41 -28.87
C GLN D 55 -13.06 -18.56 -28.72
N ARG D 56 -12.25 -18.55 -27.66
CA ARG D 56 -11.28 -19.61 -27.46
C ARG D 56 -11.95 -20.90 -27.01
N LYS D 57 -13.03 -20.81 -26.23
CA LYS D 57 -13.83 -21.98 -25.94
C LYS D 57 -14.44 -22.55 -27.22
N HIS D 58 -15.01 -21.66 -28.05
CA HIS D 58 -15.64 -22.11 -29.29
C HIS D 58 -14.65 -22.82 -30.21
N MET D 59 -13.49 -22.20 -30.45
CA MET D 59 -12.47 -22.84 -31.27
C MET D 59 -12.05 -24.18 -30.67
N LEU D 60 -12.00 -24.26 -29.34
CA LEU D 60 -11.71 -25.53 -28.69
C LEU D 60 -12.83 -26.53 -28.93
N GLU D 61 -14.08 -26.11 -28.70
CA GLU D 61 -15.22 -27.02 -28.88
C GLU D 61 -15.28 -27.56 -30.30
N LEU D 62 -15.01 -26.71 -31.29
CA LEU D 62 -15.04 -27.17 -32.67
C LEU D 62 -13.96 -28.19 -32.93
N ALA D 63 -12.79 -28.02 -32.31
CA ALA D 63 -11.67 -28.93 -32.54
C ALA D 63 -11.88 -30.28 -31.86
N ILE D 64 -12.49 -30.27 -30.68
CA ILE D 64 -12.66 -31.47 -29.87
C ILE D 64 -13.93 -32.24 -30.21
N ALA D 65 -14.84 -31.64 -30.99
CA ALA D 65 -16.20 -32.17 -31.12
C ALA D 65 -16.21 -33.62 -31.59
N ASP D 66 -15.35 -33.98 -32.54
CA ASP D 66 -15.37 -35.30 -33.16
C ASP D 66 -14.30 -36.24 -32.60
N LYS D 67 -13.68 -35.88 -31.49
CA LYS D 67 -12.65 -36.72 -30.88
C LYS D 67 -13.12 -37.20 -29.52
N PRO D 68 -13.49 -38.47 -29.38
CA PRO D 68 -13.99 -38.95 -28.08
C PRO D 68 -12.96 -38.89 -26.98
N LEU D 69 -11.67 -38.95 -27.36
CA LEU D 69 -10.60 -39.00 -26.37
C LEU D 69 -10.55 -37.72 -25.54
N PHE D 70 -10.84 -36.58 -26.15
CA PHE D 70 -10.71 -35.29 -25.50
C PHE D 70 -12.06 -34.85 -24.94
N THR D 71 -12.04 -34.20 -23.77
CA THR D 71 -13.21 -33.54 -23.20
C THR D 71 -12.75 -32.22 -22.58
N LEU D 72 -13.64 -31.23 -22.61
CA LEU D 72 -13.31 -29.86 -22.22
C LEU D 72 -13.82 -29.55 -20.82
N ASP D 73 -13.08 -28.68 -20.12
CA ASP D 73 -13.39 -28.26 -18.76
C ASP D 73 -13.02 -26.79 -18.62
N GLU D 74 -14.02 -25.94 -18.42
CA GLU D 74 -13.82 -24.49 -18.34
C GLU D 74 -13.83 -23.97 -16.91
N ARG D 75 -13.23 -24.72 -15.97
CA ARG D 75 -13.07 -24.24 -14.60
C ARG D 75 -12.47 -22.85 -14.58
N GLU D 76 -11.34 -22.66 -15.25
CA GLU D 76 -10.56 -21.45 -15.11
C GLU D 76 -11.17 -20.28 -15.89
N LEU D 77 -11.91 -20.57 -16.97
CA LEU D 77 -12.55 -19.49 -17.72
C LEU D 77 -13.73 -18.89 -16.95
N LYS D 78 -14.40 -19.71 -16.14
CA LYS D 78 -15.51 -19.22 -15.33
C LYS D 78 -15.10 -18.84 -13.91
N ARG D 79 -13.82 -18.98 -13.58
CA ARG D 79 -13.32 -18.65 -12.26
C ARG D 79 -12.86 -17.20 -12.20
N ASN D 80 -13.07 -16.58 -11.04
CA ASN D 80 -12.65 -15.20 -10.83
C ASN D 80 -11.13 -15.08 -10.74
N ALA D 81 -10.49 -16.00 -10.03
CA ALA D 81 -9.07 -15.90 -9.72
C ALA D 81 -8.22 -16.25 -10.94
N PRO D 82 -6.93 -15.95 -10.89
CA PRO D 82 -6.02 -16.47 -11.93
C PRO D 82 -5.79 -17.96 -11.76
N SER D 83 -5.74 -18.67 -12.87
CA SER D 83 -5.58 -20.12 -12.84
C SER D 83 -4.18 -20.49 -12.32
N VAL D 84 -4.15 -21.30 -11.28
CA VAL D 84 -2.91 -21.80 -10.70
C VAL D 84 -2.97 -23.33 -10.73
N THR D 85 -1.94 -23.95 -11.32
CA THR D 85 -2.01 -25.37 -11.65
C THR D 85 -2.17 -26.24 -10.41
N ALA D 86 -1.42 -25.95 -9.35
CA ALA D 86 -1.57 -26.70 -8.11
C ALA D 86 -2.93 -26.48 -7.45
N GLN D 87 -3.66 -25.45 -7.86
CA GLN D 87 -5.02 -25.25 -7.35
C GLN D 87 -6.03 -26.11 -8.11
N THR D 88 -5.92 -26.15 -9.44
CA THR D 88 -6.81 -26.99 -10.23
C THR D 88 -6.56 -28.47 -9.95
N LEU D 89 -5.29 -28.86 -9.87
CA LEU D 89 -4.96 -30.26 -9.66
C LEU D 89 -5.54 -30.79 -8.35
N LYS D 90 -5.33 -30.04 -7.25
CA LYS D 90 -5.88 -30.50 -5.98
C LYS D 90 -7.39 -30.49 -5.99
N GLU D 91 -8.01 -29.60 -6.79
CA GLU D 91 -9.45 -29.69 -6.99
C GLU D 91 -9.81 -31.00 -7.68
N TRP D 92 -9.05 -31.40 -8.70
CA TRP D 92 -9.32 -32.66 -9.37
C TRP D 92 -9.08 -33.84 -8.44
N ARG D 93 -7.98 -33.81 -7.67
CA ARG D 93 -7.77 -34.80 -6.63
C ARG D 93 -8.91 -34.77 -5.61
N GLN D 94 -9.47 -33.59 -5.37
CA GLN D 94 -10.58 -33.47 -4.41
C GLN D 94 -11.85 -34.12 -4.95
N GLU D 95 -12.20 -33.81 -6.19
CA GLU D 95 -13.46 -34.27 -6.76
C GLU D 95 -13.39 -35.68 -7.31
N GLN D 96 -12.20 -36.21 -7.58
CA GLN D 96 -12.06 -37.52 -8.21
C GLN D 96 -11.77 -38.64 -7.22
N GLY D 97 -10.95 -38.38 -6.21
CA GLY D 97 -10.65 -39.37 -5.21
C GLY D 97 -9.17 -39.66 -5.09
N PRO D 98 -8.78 -40.35 -4.01
CA PRO D 98 -7.36 -40.64 -3.78
C PRO D 98 -6.82 -41.89 -4.47
N ASP D 99 -7.68 -42.70 -5.10
CA ASP D 99 -7.24 -43.98 -5.63
C ASP D 99 -7.27 -44.05 -7.15
N VAL D 100 -7.77 -43.03 -7.83
CA VAL D 100 -7.76 -43.02 -9.29
C VAL D 100 -6.47 -42.33 -9.75
N PRO D 101 -5.84 -42.80 -10.82
CA PRO D 101 -4.63 -42.13 -11.31
C PRO D 101 -4.96 -40.85 -12.05
N LEU D 102 -4.06 -39.87 -11.90
CA LEU D 102 -4.19 -38.56 -12.52
C LEU D 102 -2.84 -38.12 -13.07
N ALA D 103 -2.88 -37.43 -14.20
CA ALA D 103 -1.66 -36.99 -14.88
C ALA D 103 -1.89 -35.63 -15.54
N PHE D 104 -0.82 -34.84 -15.60
CA PHE D 104 -0.86 -33.47 -16.11
C PHE D 104 0.15 -33.33 -17.22
N ILE D 105 -0.28 -32.74 -18.34
CA ILE D 105 0.54 -32.64 -19.55
C ILE D 105 1.15 -31.25 -19.62
N ILE D 106 2.46 -31.19 -19.81
CA ILE D 106 3.17 -29.93 -19.95
C ILE D 106 4.25 -30.09 -21.02
N GLY D 107 4.52 -28.98 -21.72
CA GLY D 107 5.65 -28.96 -22.61
C GLY D 107 6.97 -29.01 -21.85
N GLN D 108 8.01 -29.41 -22.56
CA GLN D 108 9.34 -29.47 -21.94
C GLN D 108 9.85 -28.06 -21.64
N ASP D 109 9.58 -27.12 -22.54
CA ASP D 109 10.14 -25.78 -22.39
C ASP D 109 9.52 -25.03 -21.20
N SER D 110 8.29 -25.38 -20.84
CA SER D 110 7.61 -24.70 -19.74
C SER D 110 7.99 -25.25 -18.37
N LEU D 111 8.28 -26.55 -18.27
CA LEU D 111 8.69 -27.12 -17.00
C LEU D 111 10.03 -26.58 -16.53
N LEU D 112 10.93 -26.27 -17.47
CA LEU D 112 12.24 -25.72 -17.15
C LEU D 112 12.11 -24.31 -16.58
N TYR D 120 4.68 -26.84 -10.77
CA TYR D 120 5.93 -26.72 -10.03
C TYR D 120 6.18 -28.00 -9.22
N GLU D 121 6.76 -27.84 -8.03
CA GLU D 121 6.98 -29.00 -7.15
C GLU D 121 5.66 -29.64 -6.76
N THR D 122 4.62 -28.82 -6.59
CA THR D 122 3.37 -29.26 -5.98
C THR D 122 2.64 -30.30 -6.82
N ILE D 123 3.01 -30.46 -8.10
CA ILE D 123 2.23 -31.31 -8.99
C ILE D 123 2.19 -32.76 -8.52
N LEU D 124 3.34 -33.29 -8.07
CA LEU D 124 3.42 -34.68 -7.68
C LEU D 124 2.60 -35.03 -6.45
N ASP D 125 2.07 -34.03 -5.73
CA ASP D 125 1.17 -34.31 -4.62
C ASP D 125 -0.09 -35.04 -5.10
N ASN D 126 -0.66 -34.61 -6.21
CA ASN D 126 -1.95 -35.10 -6.65
C ASN D 126 -1.93 -35.86 -7.96
N ALA D 127 -1.05 -35.52 -8.90
CA ALA D 127 -1.03 -36.16 -10.20
C ALA D 127 0.40 -36.46 -10.62
N HIS D 128 0.54 -37.28 -11.65
CA HIS D 128 1.78 -37.37 -12.40
C HIS D 128 1.91 -36.16 -13.33
N LEU D 129 3.10 -35.98 -13.89
CA LEU D 129 3.32 -34.95 -14.89
C LEU D 129 4.01 -35.57 -16.11
N ILE D 130 3.35 -35.51 -17.26
CA ILE D 130 3.84 -36.05 -18.51
C ILE D 130 4.42 -34.89 -19.31
N VAL D 131 5.73 -34.91 -19.51
CA VAL D 131 6.43 -33.80 -20.17
C VAL D 131 6.49 -34.09 -21.67
N LEU D 132 5.87 -33.21 -22.45
CA LEU D 132 6.02 -33.30 -23.90
C LEU D 132 7.46 -33.00 -24.29
N ARG D 133 8.23 -34.04 -24.59
CA ARG D 133 9.65 -33.86 -24.86
C ARG D 133 9.86 -33.03 -26.12
N ARG D 134 10.66 -31.99 -25.98
CA ARG D 134 11.10 -31.19 -27.12
C ARG D 134 12.14 -31.99 -27.91
N PRO D 135 11.82 -32.50 -29.10
CA PRO D 135 12.77 -33.37 -29.81
C PRO D 135 14.02 -32.61 -30.22
N GLY D 136 15.18 -33.17 -29.88
CA GLY D 136 16.47 -32.59 -30.21
C GLY D 136 17.18 -31.93 -29.04
N TYR D 137 16.51 -31.78 -27.89
CA TYR D 137 17.02 -31.07 -26.73
C TYR D 137 17.26 -32.01 -25.55
N PRO D 138 18.25 -31.71 -24.71
CA PRO D 138 18.51 -32.55 -23.53
C PRO D 138 17.63 -32.19 -22.34
N LEU D 139 17.80 -32.97 -21.26
CA LEU D 139 16.99 -32.88 -20.04
C LEU D 139 17.49 -31.81 -19.08
N GLU D 140 18.07 -30.72 -19.59
CA GLU D 140 18.84 -29.81 -18.75
C GLU D 140 17.92 -29.05 -17.81
N MET D 141 18.02 -29.34 -16.51
CA MET D 141 17.36 -28.55 -15.48
C MET D 141 18.31 -27.45 -15.00
N ALA D 142 17.75 -26.27 -14.73
CA ALA D 142 18.58 -25.08 -14.51
C ALA D 142 19.39 -25.18 -13.22
N GLN D 143 18.69 -25.30 -12.08
CA GLN D 143 19.35 -25.37 -10.79
C GLN D 143 19.46 -26.84 -10.37
N PRO D 144 20.64 -27.45 -10.44
CA PRO D 144 20.74 -28.91 -10.27
C PRO D 144 20.48 -29.43 -8.87
N GLN D 145 19.46 -28.89 -8.20
CA GLN D 145 18.90 -29.57 -7.03
C GLN D 145 17.53 -30.17 -7.29
N TYR D 146 16.80 -29.69 -8.30
CA TYR D 146 15.67 -30.45 -8.82
C TYR D 146 15.97 -31.12 -10.16
N GLN D 147 17.23 -31.14 -10.58
CA GLN D 147 17.65 -32.15 -11.54
C GLN D 147 17.63 -33.53 -10.90
N GLN D 148 18.01 -33.58 -9.61
CA GLN D 148 17.87 -34.81 -8.84
C GLN D 148 16.41 -35.17 -8.65
N TRP D 149 15.57 -34.18 -8.33
CA TRP D 149 14.13 -34.39 -8.23
C TRP D 149 13.57 -34.98 -9.51
N LEU D 150 14.01 -34.45 -10.66
CA LEU D 150 13.63 -35.03 -11.94
C LEU D 150 14.07 -36.49 -12.03
N GLU D 151 15.28 -36.78 -11.55
CA GLU D 151 15.82 -38.13 -11.61
C GLU D 151 15.19 -39.04 -10.57
N ASP D 152 14.78 -38.48 -9.43
CA ASP D 152 14.25 -39.29 -8.34
C ASP D 152 12.91 -39.90 -8.67
N HIS D 153 12.06 -39.17 -9.40
CA HIS D 153 10.71 -39.62 -9.68
C HIS D 153 10.49 -39.98 -11.14
N LEU D 154 11.53 -39.96 -11.97
CA LEU D 154 11.41 -40.40 -13.35
C LEU D 154 11.01 -41.86 -13.39
N THR D 155 10.33 -42.24 -14.47
CA THR D 155 9.97 -43.63 -14.71
C THR D 155 9.87 -43.87 -16.20
N HIS D 156 10.21 -45.09 -16.63
CA HIS D 156 10.16 -45.48 -18.02
C HIS D 156 9.17 -46.62 -18.25
N ASN D 157 8.41 -47.01 -17.24
CA ASN D 157 7.32 -47.97 -17.40
C ASN D 157 5.99 -47.25 -17.28
N PRO D 158 5.23 -47.11 -18.37
CA PRO D 158 3.93 -46.43 -18.26
C PRO D 158 2.97 -47.10 -17.31
N GLU D 159 3.22 -48.37 -16.93
CA GLU D 159 2.39 -49.03 -15.93
C GLU D 159 2.31 -48.23 -14.64
N ASP D 160 3.44 -47.64 -14.22
CA ASP D 160 3.48 -46.90 -12.97
C ASP D 160 2.50 -45.72 -12.99
N LEU D 161 2.24 -45.16 -14.17
CA LEU D 161 1.24 -44.10 -14.27
C LEU D 161 -0.18 -44.66 -14.11
N HIS D 162 -0.40 -45.90 -14.54
CA HIS D 162 -1.73 -46.50 -14.50
C HIS D 162 -2.02 -47.23 -13.18
N LEU D 163 -1.02 -47.47 -12.34
CA LEU D 163 -1.22 -48.20 -11.09
C LEU D 163 -1.05 -47.34 -9.85
N GLN D 164 -0.54 -46.12 -9.98
CA GLN D 164 -0.34 -45.23 -8.85
C GLN D 164 -1.12 -43.94 -9.06
N PRO D 165 -1.65 -43.36 -7.98
CA PRO D 165 -2.38 -42.09 -8.12
C PRO D 165 -1.53 -40.95 -8.61
N ALA D 166 -0.26 -40.90 -8.19
CA ALA D 166 0.64 -39.81 -8.55
C ALA D 166 2.07 -40.22 -8.17
N GLY D 167 3.03 -39.35 -8.46
CA GLY D 167 4.36 -39.42 -7.90
C GLY D 167 5.46 -39.56 -8.94
N LYS D 168 5.15 -40.13 -10.09
CA LYS D 168 6.16 -40.49 -11.08
C LYS D 168 6.07 -39.58 -12.30
N ILE D 169 7.18 -39.49 -13.02
CA ILE D 169 7.35 -38.56 -14.14
C ILE D 169 7.69 -39.37 -15.40
N TYR D 170 7.00 -39.07 -16.50
CA TYR D 170 7.21 -39.72 -17.78
C TYR D 170 7.58 -38.68 -18.84
N LEU D 171 8.63 -38.95 -19.60
CA LEU D 171 9.05 -38.12 -20.72
C LEU D 171 8.70 -38.88 -21.99
N ALA D 172 7.76 -38.34 -22.78
CA ALA D 172 7.20 -39.05 -23.92
C ALA D 172 7.75 -38.46 -25.21
N GLU D 173 8.16 -39.34 -26.12
CA GLU D 173 8.62 -38.92 -27.45
C GLU D 173 7.43 -38.42 -28.25
N THR D 174 7.45 -37.13 -28.61
CA THR D 174 6.40 -36.62 -29.47
C THR D 174 6.98 -36.15 -30.79
N PRO D 175 6.22 -36.22 -31.88
CA PRO D 175 6.73 -35.73 -33.17
C PRO D 175 6.81 -34.22 -33.20
N TYR D 176 7.38 -33.71 -34.28
CA TYR D 176 7.58 -32.27 -34.46
C TYR D 176 6.58 -31.71 -35.45
N PHE D 177 6.09 -30.52 -35.16
CA PHE D 177 5.26 -29.74 -36.06
C PHE D 177 5.76 -28.30 -36.02
N ASN D 178 5.79 -27.66 -37.18
CA ASN D 178 6.24 -26.28 -37.25
C ASN D 178 5.07 -25.31 -37.07
N ILE D 179 4.28 -25.53 -36.03
CA ILE D 179 3.04 -24.80 -35.84
C ILE D 179 2.95 -24.30 -34.40
N SER D 180 2.85 -22.99 -34.23
CA SER D 180 2.56 -22.36 -32.96
C SER D 180 1.57 -21.22 -33.22
N ALA D 181 0.91 -20.77 -32.15
CA ALA D 181 -0.03 -19.66 -32.30
C ALA D 181 0.68 -18.41 -32.78
N THR D 182 1.95 -18.22 -32.39
CA THR D 182 2.71 -17.09 -32.90
C THR D 182 2.99 -17.23 -34.40
N ILE D 183 3.34 -18.44 -34.84
CA ILE D 183 3.48 -18.71 -36.27
C ILE D 183 2.15 -18.44 -36.97
N ILE D 184 1.06 -18.96 -36.42
CA ILE D 184 -0.24 -18.93 -37.10
C ILE D 184 -0.73 -17.49 -37.23
N ARG D 185 -0.70 -16.72 -36.14
CA ARG D 185 -1.19 -15.35 -36.19
C ARG D 185 -0.46 -14.53 -37.24
N GLU D 186 0.86 -14.71 -37.34
CA GLU D 186 1.64 -13.93 -38.29
C GLU D 186 1.34 -14.33 -39.72
N ARG D 187 1.20 -15.63 -39.99
CA ARG D 187 0.81 -16.07 -41.33
C ARG D 187 -0.58 -15.57 -41.68
N LEU D 188 -1.43 -15.33 -40.68
CA LEU D 188 -2.77 -14.78 -40.90
C LEU D 188 -2.77 -13.26 -41.02
N GLN D 189 -1.99 -12.55 -40.20
CA GLN D 189 -1.96 -11.10 -40.28
C GLN D 189 -1.38 -10.61 -41.60
N ASN D 190 -0.42 -11.33 -42.18
CA ASN D 190 0.11 -11.00 -43.49
C ASN D 190 -0.69 -11.63 -44.62
N GLY D 191 -1.43 -12.69 -44.35
CA GLY D 191 -2.33 -13.27 -45.32
C GLY D 191 -1.89 -14.56 -45.97
N GLU D 192 -0.91 -15.27 -45.39
CA GLU D 192 -0.45 -16.54 -45.96
C GLU D 192 -1.21 -17.70 -45.33
N SER D 193 -1.41 -18.74 -46.14
CA SER D 193 -2.37 -19.79 -45.82
C SER D 193 -2.02 -20.52 -44.52
N CYS D 194 -3.01 -21.28 -44.02
CA CYS D 194 -2.82 -22.03 -42.77
C CYS D 194 -3.67 -23.30 -42.68
N GLU D 195 -4.22 -23.80 -43.79
CA GLU D 195 -5.09 -24.97 -43.75
C GLU D 195 -4.39 -26.26 -43.32
N ASP D 196 -3.07 -26.23 -43.08
CA ASP D 196 -2.33 -27.41 -42.66
C ASP D 196 -2.05 -27.46 -41.16
N LEU D 197 -2.34 -26.37 -40.45
CA LEU D 197 -1.96 -26.24 -39.04
C LEU D 197 -3.15 -26.31 -38.10
N LEU D 198 -4.36 -26.18 -38.61
CA LEU D 198 -5.58 -26.16 -37.82
C LEU D 198 -6.60 -27.12 -38.42
N PRO D 199 -7.45 -27.72 -37.60
CA PRO D 199 -8.63 -28.40 -38.14
C PRO D 199 -9.48 -27.42 -38.94
N GLU D 200 -10.17 -27.95 -39.95
CA GLU D 200 -10.94 -27.09 -40.85
C GLU D 200 -11.99 -26.24 -40.14
N PRO D 201 -12.78 -26.77 -39.18
CA PRO D 201 -13.76 -25.89 -38.52
C PRO D 201 -13.16 -24.75 -37.72
N VAL D 202 -11.95 -24.90 -37.19
CA VAL D 202 -11.35 -23.81 -36.41
C VAL D 202 -10.92 -22.66 -37.32
N LEU D 203 -10.36 -22.98 -38.49
CA LEU D 203 -9.95 -21.94 -39.42
C LEU D 203 -11.15 -21.17 -39.95
N THR D 204 -12.31 -21.83 -40.08
CA THR D 204 -13.51 -21.14 -40.53
C THR D 204 -14.01 -20.18 -39.47
N TYR D 205 -13.96 -20.58 -38.19
CA TYR D 205 -14.35 -19.68 -37.11
C TYR D 205 -13.45 -18.46 -37.06
N ILE D 206 -12.14 -18.66 -37.26
CA ILE D 206 -11.20 -17.55 -37.24
C ILE D 206 -11.48 -16.59 -38.38
N ASN D 207 -11.77 -17.13 -39.56
CA ASN D 207 -12.07 -16.27 -40.70
C ASN D 207 -13.45 -15.62 -40.60
N GLN D 208 -14.37 -16.21 -39.82
CA GLN D 208 -15.66 -15.57 -39.60
C GLN D 208 -15.57 -14.44 -38.58
N GLN D 209 -14.72 -14.60 -37.57
CA GLN D 209 -14.68 -13.70 -36.42
C GLN D 209 -13.69 -12.56 -36.58
N GLY D 210 -12.93 -12.53 -37.66
CA GLY D 210 -11.95 -11.48 -37.84
C GLY D 210 -10.75 -11.59 -36.91
N LEU D 211 -10.50 -12.79 -36.41
CA LEU D 211 -9.43 -12.98 -35.43
C LEU D 211 -8.07 -13.00 -36.10
N TYR D 212 -7.07 -12.48 -35.37
CA TYR D 212 -5.66 -12.59 -35.74
C TYR D 212 -5.35 -11.85 -37.04
N ARG D 213 -5.91 -10.65 -37.19
CA ARG D 213 -5.59 -9.81 -38.33
C ARG D 213 -5.11 -8.45 -37.84
N MET E 1 19.11 -10.92 -13.49
CA MET E 1 19.30 -9.55 -13.97
C MET E 1 20.11 -8.73 -12.96
N LYS E 2 20.21 -7.43 -13.23
CA LYS E 2 20.86 -6.50 -12.33
C LYS E 2 19.84 -5.72 -11.52
N SER E 3 20.33 -5.08 -10.46
CA SER E 3 19.45 -4.38 -9.54
C SER E 3 18.88 -3.11 -10.18
N LEU E 4 17.71 -2.70 -9.70
CA LEU E 4 17.12 -1.45 -10.14
C LEU E 4 17.94 -0.28 -9.62
N GLN E 5 18.17 0.71 -10.49
CA GLN E 5 18.92 1.90 -10.15
C GLN E 5 18.00 3.11 -10.29
N ALA E 6 17.77 3.80 -9.19
CA ALA E 6 16.98 5.02 -9.19
C ALA E 6 17.89 6.22 -9.44
N LEU E 7 17.39 7.19 -10.19
CA LEU E 7 18.09 8.43 -10.44
C LEU E 7 17.24 9.58 -9.90
N PHE E 8 17.87 10.46 -9.13
CA PHE E 8 17.19 11.54 -8.42
C PHE E 8 17.98 12.82 -8.62
N GLY E 9 17.38 13.82 -9.29
CA GLY E 9 18.07 15.02 -9.68
C GLY E 9 17.61 16.24 -8.90
N GLY E 10 18.08 17.39 -9.35
CA GLY E 10 17.73 18.66 -8.76
C GLY E 10 18.91 19.60 -8.71
N THR E 11 18.66 20.77 -8.12
CA THR E 11 19.65 21.82 -7.96
C THR E 11 20.49 21.65 -6.69
N PHE E 12 19.85 21.37 -5.55
CA PHE E 12 20.52 21.16 -4.27
C PHE E 12 21.27 22.42 -3.83
N ASP E 13 20.48 23.45 -3.53
CA ASP E 13 20.97 24.76 -3.12
C ASP E 13 20.32 25.16 -1.79
N PRO E 14 20.70 24.51 -0.69
CA PRO E 14 21.56 23.33 -0.60
C PRO E 14 20.76 22.04 -0.53
N VAL E 15 21.45 20.89 -0.51
CA VAL E 15 20.80 19.64 -0.19
C VAL E 15 20.27 19.71 1.25
N HIS E 16 19.16 19.03 1.50
CA HIS E 16 18.55 19.04 2.82
C HIS E 16 17.89 17.70 3.09
N TYR E 17 17.58 17.47 4.37
CA TYR E 17 16.97 16.21 4.80
C TYR E 17 15.65 15.93 4.08
N GLY E 18 15.05 16.95 3.46
CA GLY E 18 13.85 16.72 2.67
C GLY E 18 14.13 15.85 1.46
N HIS E 19 15.14 16.22 0.67
CA HIS E 19 15.58 15.37 -0.42
C HIS E 19 15.97 13.99 0.10
N LEU E 20 16.83 13.95 1.12
CA LEU E 20 17.52 12.72 1.49
C LEU E 20 16.59 11.75 2.21
N LYS E 21 15.99 12.18 3.32
CA LYS E 21 15.17 11.27 4.12
C LYS E 21 13.95 10.78 3.33
N LYS E 22 13.44 11.60 2.40
CA LYS E 22 12.27 11.22 1.64
C LYS E 22 12.57 10.09 0.67
N VAL E 23 13.78 10.09 0.08
CA VAL E 23 14.13 9.05 -0.87
C VAL E 23 14.54 7.76 -0.16
N GLU E 24 15.20 7.86 1.00
CA GLU E 24 15.50 6.64 1.74
C GLU E 24 14.28 6.07 2.45
N THR E 25 13.20 6.85 2.58
CA THR E 25 11.92 6.28 2.97
C THR E 25 11.28 5.53 1.81
N LEU E 26 11.40 6.09 0.60
CA LEU E 26 10.95 5.42 -0.62
C LEU E 26 11.61 4.06 -0.76
N ALA E 27 12.94 4.04 -0.66
CA ALA E 27 13.71 2.81 -0.90
C ALA E 27 13.26 1.67 0.00
N ASN E 28 12.67 2.00 1.15
CA ASN E 28 12.21 0.96 2.06
C ASN E 28 10.97 0.27 1.52
N LEU E 29 10.00 1.02 1.01
CA LEU E 29 8.76 0.43 0.50
C LEU E 29 8.89 -0.04 -0.94
N ILE E 30 10.03 0.17 -1.58
CA ILE E 30 10.24 -0.24 -2.97
C ILE E 30 11.37 -1.24 -3.12
N GLY E 31 12.25 -1.38 -2.14
CA GLY E 31 13.35 -2.30 -2.29
C GLY E 31 14.50 -1.73 -3.09
N LEU E 32 14.56 -0.40 -3.21
CA LEU E 32 15.70 0.24 -3.85
C LEU E 32 16.96 -0.04 -3.04
N THR E 33 18.03 -0.40 -3.73
CA THR E 33 19.33 -0.62 -3.09
C THR E 33 20.39 0.35 -3.58
N ARG E 34 20.11 1.17 -4.60
CA ARG E 34 21.11 2.04 -5.20
C ARG E 34 20.41 3.26 -5.79
N VAL E 35 20.79 4.44 -5.32
CA VAL E 35 20.20 5.70 -5.76
C VAL E 35 21.33 6.64 -6.16
N THR E 36 21.27 7.15 -7.39
CA THR E 36 22.28 8.07 -7.91
C THR E 36 21.72 9.48 -7.88
N ILE E 37 22.42 10.39 -7.21
CA ILE E 37 22.06 11.80 -7.18
C ILE E 37 22.77 12.51 -8.33
N ILE E 38 22.01 13.25 -9.13
CA ILE E 38 22.54 13.96 -10.29
C ILE E 38 22.26 15.45 -10.10
N PRO E 39 23.16 16.20 -9.48
CA PRO E 39 22.94 17.63 -9.30
C PRO E 39 23.01 18.36 -10.64
N ASN E 40 22.07 19.26 -10.86
CA ASN E 40 21.90 19.91 -12.14
C ASN E 40 22.53 21.29 -12.14
N ASN E 41 22.50 21.93 -13.30
CA ASN E 41 22.86 23.32 -13.47
C ASN E 41 21.65 24.06 -14.01
N VAL E 42 21.31 25.17 -13.39
CA VAL E 42 20.05 25.85 -13.75
C VAL E 42 20.23 26.55 -15.10
N PRO E 43 19.35 26.30 -16.07
CA PRO E 43 19.43 27.00 -17.36
C PRO E 43 19.26 28.50 -17.18
N PRO E 44 20.08 29.30 -17.88
CA PRO E 44 20.14 30.74 -17.59
C PRO E 44 18.86 31.53 -17.83
N HIS E 45 17.78 30.87 -18.27
CA HIS E 45 16.48 31.53 -18.37
C HIS E 45 15.71 31.50 -17.05
N ARG E 46 16.33 31.01 -15.98
CA ARG E 46 15.78 30.95 -14.64
C ARG E 46 16.72 31.64 -13.66
N PRO E 47 16.19 32.15 -12.54
CA PRO E 47 17.07 32.65 -11.46
C PRO E 47 18.12 31.62 -11.09
N GLN E 48 19.39 32.00 -11.25
CA GLN E 48 20.48 31.07 -10.99
C GLN E 48 20.61 30.79 -9.50
N PRO E 49 21.27 29.69 -9.12
CA PRO E 49 21.45 29.40 -7.70
C PRO E 49 22.29 30.45 -7.00
N GLU E 50 22.24 30.41 -5.67
CA GLU E 50 23.09 31.27 -4.84
C GLU E 50 24.45 30.65 -4.55
N ALA E 51 24.52 29.32 -4.45
CA ALA E 51 25.77 28.60 -4.22
C ALA E 51 26.24 27.99 -5.54
N ASN E 52 27.52 28.14 -5.84
CA ASN E 52 28.03 27.78 -7.15
C ASN E 52 28.21 26.27 -7.28
N SER E 53 28.64 25.84 -8.47
CA SER E 53 28.69 24.42 -8.81
C SER E 53 29.61 23.63 -7.88
N VAL E 54 30.70 24.24 -7.41
CA VAL E 54 31.61 23.54 -6.52
C VAL E 54 31.01 23.40 -5.14
N GLN E 55 30.35 24.44 -4.64
CA GLN E 55 29.85 24.43 -3.27
C GLN E 55 28.66 23.49 -3.12
N ARG E 56 27.78 23.47 -4.13
CA ARG E 56 26.69 22.50 -4.13
C ARG E 56 27.22 21.08 -4.32
N LYS E 57 28.33 20.93 -5.04
CA LYS E 57 28.99 19.64 -5.17
C LYS E 57 29.50 19.15 -3.83
N HIS E 58 30.23 20.01 -3.11
CA HIS E 58 30.78 19.62 -1.81
C HIS E 58 29.69 19.29 -0.81
N MET E 59 28.67 20.16 -0.71
CA MET E 59 27.61 19.94 0.29
C MET E 59 26.93 18.60 0.08
N LEU E 60 26.73 18.21 -1.18
CA LEU E 60 26.15 16.90 -1.46
C LEU E 60 27.06 15.79 -0.96
N GLU E 61 28.35 15.87 -1.30
CA GLU E 61 29.30 14.83 -0.89
C GLU E 61 29.34 14.67 0.63
N LEU E 62 29.34 15.76 1.37
CA LEU E 62 29.37 15.68 2.83
C LEU E 62 28.09 15.05 3.36
N ALA E 63 26.97 15.21 2.67
CA ALA E 63 25.71 14.61 3.11
C ALA E 63 25.62 13.14 2.75
N ILE E 64 26.04 12.78 1.53
CA ILE E 64 25.98 11.41 1.03
C ILE E 64 27.08 10.54 1.59
N ALA E 65 28.09 11.14 2.24
CA ALA E 65 29.33 10.43 2.57
C ALA E 65 29.08 9.19 3.42
N ASP E 66 28.11 9.23 4.33
CA ASP E 66 27.86 8.13 5.25
C ASP E 66 26.61 7.33 4.89
N LYS E 67 26.20 7.39 3.63
CA LYS E 67 24.98 6.70 3.17
C LYS E 67 25.35 5.79 2.00
N PRO E 68 25.51 4.48 2.23
CA PRO E 68 25.87 3.59 1.12
C PRO E 68 24.82 3.54 0.03
N LEU E 69 23.56 3.80 0.40
CA LEU E 69 22.47 3.73 -0.56
C LEU E 69 22.68 4.71 -1.71
N PHE E 70 23.09 5.94 -1.40
CA PHE E 70 23.24 6.97 -2.41
C PHE E 70 24.63 6.92 -3.03
N THR E 71 24.72 7.35 -4.29
CA THR E 71 25.97 7.64 -4.98
C THR E 71 25.78 8.91 -5.81
N LEU E 72 26.89 9.58 -6.10
CA LEU E 72 26.85 10.87 -6.77
C LEU E 72 27.40 10.77 -8.20
N ASP E 73 26.72 11.46 -9.11
CA ASP E 73 27.06 11.48 -10.54
C ASP E 73 26.96 12.91 -11.02
N GLU E 74 28.11 13.53 -11.28
CA GLU E 74 28.19 14.95 -11.63
C GLU E 74 28.31 15.18 -13.13
N ARG E 75 27.47 14.49 -13.92
CA ARG E 75 27.41 14.71 -15.36
C ARG E 75 27.14 16.17 -15.68
N GLU E 76 25.94 16.62 -15.33
CA GLU E 76 25.45 17.91 -15.81
C GLU E 76 26.30 19.06 -15.32
N LEU E 77 26.94 18.90 -14.16
CA LEU E 77 27.75 20.00 -13.62
C LEU E 77 28.96 20.28 -14.49
N LYS E 78 29.57 19.23 -15.04
CA LYS E 78 30.74 19.38 -15.90
C LYS E 78 30.39 19.44 -17.38
N ARG E 79 29.09 19.53 -17.68
CA ARG E 79 28.60 19.57 -19.06
C ARG E 79 28.58 21.01 -19.58
N ASN E 80 28.95 21.17 -20.84
CA ASN E 80 28.94 22.49 -21.46
C ASN E 80 27.51 22.98 -21.69
N ALA E 81 26.65 22.11 -22.20
CA ALA E 81 25.27 22.46 -22.52
C ALA E 81 24.39 22.40 -21.28
N PRO E 82 23.21 23.01 -21.31
CA PRO E 82 22.30 22.90 -20.16
C PRO E 82 21.73 21.50 -20.04
N SER E 83 21.22 21.20 -18.84
CA SER E 83 20.78 19.85 -18.51
C SER E 83 19.41 19.58 -19.09
N VAL E 84 19.28 18.43 -19.75
CA VAL E 84 18.00 17.96 -20.28
C VAL E 84 17.77 16.55 -19.73
N THR E 85 16.57 16.31 -19.19
CA THR E 85 16.32 15.09 -18.43
C THR E 85 16.32 13.85 -19.32
N ALA E 86 15.67 13.92 -20.48
CA ALA E 86 15.65 12.78 -21.41
C ALA E 86 17.02 12.51 -22.01
N GLN E 87 17.96 13.44 -21.92
CA GLN E 87 19.31 13.21 -22.42
C GLN E 87 20.14 12.40 -21.43
N THR E 88 20.01 12.70 -20.13
CA THR E 88 20.70 11.91 -19.11
C THR E 88 20.19 10.48 -19.11
N LEU E 89 18.89 10.30 -19.30
CA LEU E 89 18.32 8.96 -19.39
C LEU E 89 18.89 8.21 -20.58
N LYS E 90 19.01 8.88 -21.73
CA LYS E 90 19.58 8.24 -22.91
C LYS E 90 21.02 7.82 -22.67
N GLU E 91 21.81 8.70 -22.04
CA GLU E 91 23.20 8.34 -21.73
C GLU E 91 23.27 7.18 -20.75
N TRP E 92 22.40 7.20 -19.74
CA TRP E 92 22.38 6.10 -18.78
C TRP E 92 21.97 4.79 -19.45
N ARG E 93 20.85 4.80 -20.18
CA ARG E 93 20.44 3.61 -20.92
C ARG E 93 21.52 3.17 -21.89
N GLN E 94 22.21 4.12 -22.52
CA GLN E 94 23.29 3.79 -23.44
C GLN E 94 24.39 2.98 -22.75
N GLU E 95 24.89 3.50 -21.63
CA GLU E 95 26.00 2.85 -20.93
C GLU E 95 25.55 1.65 -20.10
N GLN E 96 24.27 1.58 -19.71
CA GLN E 96 23.83 0.58 -18.75
C GLN E 96 23.30 -0.70 -19.40
N GLY E 97 22.72 -0.60 -20.60
CA GLY E 97 22.22 -1.76 -21.28
C GLY E 97 20.71 -1.74 -21.43
N PRO E 98 20.17 -2.71 -22.18
CA PRO E 98 18.74 -2.71 -22.48
C PRO E 98 17.89 -3.45 -21.45
N ASP E 99 18.52 -4.27 -20.61
CA ASP E 99 17.79 -5.24 -19.80
C ASP E 99 17.73 -4.88 -18.31
N VAL E 100 18.34 -3.79 -17.89
CA VAL E 100 18.41 -3.47 -16.46
C VAL E 100 17.36 -2.43 -16.10
N PRO E 101 16.77 -2.49 -14.92
CA PRO E 101 15.76 -1.49 -14.54
C PRO E 101 16.37 -0.14 -14.23
N LEU E 102 15.75 0.91 -14.77
CA LEU E 102 16.10 2.29 -14.46
C LEU E 102 14.84 3.04 -14.04
N ALA E 103 14.98 3.94 -13.07
CA ALA E 103 13.87 4.74 -12.59
C ALA E 103 14.37 6.13 -12.24
N PHE E 104 13.49 7.11 -12.46
CA PHE E 104 13.77 8.52 -12.22
C PHE E 104 12.76 9.05 -11.22
N ILE E 105 13.25 9.77 -10.21
CA ILE E 105 12.42 10.25 -9.10
C ILE E 105 12.24 11.75 -9.26
N ILE E 106 10.98 12.20 -9.26
CA ILE E 106 10.65 13.61 -9.39
C ILE E 106 9.47 13.92 -8.50
N GLY E 107 9.43 15.15 -8.00
CA GLY E 107 8.30 15.58 -7.20
C GLY E 107 7.04 15.76 -8.02
N GLN E 108 5.91 15.81 -7.32
CA GLN E 108 4.63 15.89 -8.00
C GLN E 108 4.48 17.22 -8.74
N ASP E 109 4.87 18.32 -8.09
CA ASP E 109 4.65 19.63 -8.69
C ASP E 109 5.55 19.88 -9.91
N SER E 110 6.68 19.20 -10.01
CA SER E 110 7.46 19.24 -11.24
C SER E 110 6.77 18.43 -12.33
N LEU E 111 6.17 17.30 -11.97
CA LEU E 111 5.34 16.56 -12.92
C LEU E 111 4.08 17.34 -13.28
N LEU E 112 3.60 18.19 -12.36
CA LEU E 112 2.46 19.07 -12.64
C LEU E 112 2.68 19.88 -13.91
N GLU E 119 11.75 17.10 -20.90
CA GLU E 119 10.93 16.39 -21.85
C GLU E 119 10.15 15.26 -21.18
N TYR E 120 9.01 15.60 -20.60
CA TYR E 120 8.17 14.62 -19.93
C TYR E 120 7.88 13.39 -20.80
N GLU E 121 7.81 13.58 -22.12
CA GLU E 121 7.51 12.50 -23.05
C GLU E 121 8.53 11.37 -22.99
N THR E 122 9.74 11.64 -23.47
CA THR E 122 10.77 10.64 -23.79
C THR E 122 11.15 9.75 -22.61
N ILE E 123 10.58 10.00 -21.43
CA ILE E 123 11.10 9.39 -20.21
C ILE E 123 10.78 7.89 -20.17
N LEU E 124 9.54 7.51 -20.49
CA LEU E 124 9.15 6.11 -20.36
C LEU E 124 9.83 5.20 -21.37
N ASP E 125 10.52 5.77 -22.37
CA ASP E 125 11.29 4.95 -23.29
C ASP E 125 12.44 4.24 -22.59
N ASN E 126 13.14 4.95 -21.70
CA ASN E 126 14.38 4.48 -21.13
C ASN E 126 14.34 4.21 -19.63
N ALA E 127 13.29 4.63 -18.93
CA ALA E 127 13.27 4.47 -17.49
C ALA E 127 11.83 4.46 -17.01
N HIS E 128 11.65 3.98 -15.77
CA HIS E 128 10.42 4.23 -15.05
C HIS E 128 10.45 5.64 -14.47
N LEU E 129 9.28 6.13 -14.06
CA LEU E 129 9.13 7.45 -13.47
C LEU E 129 8.48 7.29 -12.10
N ILE E 130 9.25 7.52 -11.05
CA ILE E 130 8.76 7.47 -9.68
C ILE E 130 8.43 8.89 -9.27
N VAL E 131 7.14 9.18 -9.08
CA VAL E 131 6.68 10.49 -8.69
C VAL E 131 6.49 10.49 -7.17
N LEU E 132 7.17 11.41 -6.51
CA LEU E 132 7.02 11.55 -5.06
C LEU E 132 5.70 12.23 -4.75
N ARG E 133 4.81 11.50 -4.08
CA ARG E 133 3.48 12.01 -3.80
C ARG E 133 3.54 13.16 -2.80
N ARG E 134 2.87 14.25 -3.14
CA ARG E 134 2.70 15.36 -2.21
C ARG E 134 1.56 15.03 -1.25
N PRO E 135 1.86 14.72 0.00
CA PRO E 135 0.82 14.21 0.91
C PRO E 135 -0.29 15.23 1.11
N GLY E 136 -1.52 14.80 0.83
CA GLY E 136 -2.69 15.65 0.98
C GLY E 136 -3.21 16.25 -0.31
N TYR E 137 -2.58 15.96 -1.45
CA TYR E 137 -2.93 16.55 -2.74
C TYR E 137 -3.36 15.48 -3.73
N PRO E 138 -4.28 15.79 -4.63
CA PRO E 138 -4.74 14.82 -5.64
C PRO E 138 -3.81 14.74 -6.84
N LEU E 139 -4.16 13.83 -7.78
CA LEU E 139 -3.35 13.46 -8.94
C LEU E 139 -3.67 14.26 -10.19
N GLU E 140 -4.17 15.48 -10.07
CA GLU E 140 -4.83 16.11 -11.21
C GLU E 140 -3.82 16.57 -12.26
N MET E 141 -3.93 16.01 -13.46
CA MET E 141 -3.14 16.44 -14.60
C MET E 141 -3.88 17.53 -15.37
N ALA E 142 -3.14 18.53 -15.82
CA ALA E 142 -3.75 19.72 -16.40
C ALA E 142 -4.54 19.39 -17.67
N GLN E 143 -3.86 18.91 -18.71
CA GLN E 143 -4.54 18.65 -19.97
C GLN E 143 -5.08 17.23 -20.01
N PRO E 144 -6.37 17.06 -20.30
CA PRO E 144 -6.97 15.72 -20.21
C PRO E 144 -6.53 14.72 -21.28
N GLN E 145 -5.27 14.77 -21.71
CA GLN E 145 -4.74 13.73 -22.58
C GLN E 145 -3.53 13.00 -22.01
N TYR E 146 -2.77 13.60 -21.09
CA TYR E 146 -1.83 12.82 -20.28
C TYR E 146 -2.32 12.64 -18.84
N GLN E 147 -3.58 12.95 -18.56
CA GLN E 147 -4.27 12.28 -17.46
C GLN E 147 -4.59 10.85 -17.83
N GLN E 148 -4.93 10.63 -19.12
CA GLN E 148 -5.12 9.28 -19.65
C GLN E 148 -3.81 8.51 -19.74
N TRP E 149 -2.72 9.21 -20.07
CA TRP E 149 -1.41 8.59 -20.09
C TRP E 149 -0.97 8.19 -18.68
N LEU E 150 -1.43 8.92 -17.66
CA LEU E 150 -1.12 8.56 -16.29
C LEU E 150 -1.82 7.26 -15.90
N GLU E 151 -3.12 7.16 -16.19
CA GLU E 151 -3.88 5.96 -15.85
C GLU E 151 -3.47 4.76 -16.71
N ASP E 152 -2.79 4.99 -17.83
CA ASP E 152 -2.38 3.90 -18.70
C ASP E 152 -1.19 3.13 -18.15
N HIS E 153 -0.17 3.82 -17.64
CA HIS E 153 1.06 3.18 -17.20
C HIS E 153 1.22 3.19 -15.69
N LEU E 154 0.20 3.61 -14.95
CA LEU E 154 0.25 3.56 -13.49
C LEU E 154 0.33 2.12 -13.01
N THR E 155 0.94 1.91 -11.84
CA THR E 155 1.06 0.57 -11.29
C THR E 155 1.06 0.64 -9.77
N HIS E 156 0.58 -0.44 -9.15
CA HIS E 156 0.54 -0.58 -7.70
C HIS E 156 1.41 -1.74 -7.22
N ASN E 157 2.30 -2.25 -8.06
CA ASN E 157 3.18 -3.37 -7.72
C ASN E 157 4.62 -2.96 -8.00
N PRO E 158 5.46 -2.84 -6.97
CA PRO E 158 6.87 -2.49 -7.20
C PRO E 158 7.65 -3.56 -7.96
N GLU E 159 7.10 -4.76 -8.12
CA GLU E 159 7.76 -5.77 -8.93
C GLU E 159 8.01 -5.28 -10.35
N ASP E 160 7.02 -4.57 -10.92
CA ASP E 160 7.16 -4.06 -12.28
C ASP E 160 8.41 -3.19 -12.42
N LEU E 161 8.70 -2.39 -11.40
CA LEU E 161 9.89 -1.53 -11.45
C LEU E 161 11.17 -2.36 -11.41
N HIS E 162 11.13 -3.54 -10.80
CA HIS E 162 12.32 -4.38 -10.70
C HIS E 162 12.42 -5.40 -11.82
N LEU E 163 11.30 -5.82 -12.39
CA LEU E 163 11.29 -6.88 -13.40
C LEU E 163 11.14 -6.35 -14.82
N GLN E 164 10.94 -5.04 -14.99
CA GLN E 164 10.87 -4.43 -16.31
C GLN E 164 11.93 -3.33 -16.43
N PRO E 165 12.48 -3.12 -17.62
CA PRO E 165 13.49 -2.08 -17.77
C PRO E 165 12.91 -0.67 -17.67
N ALA E 166 11.67 -0.47 -18.07
CA ALA E 166 11.05 0.86 -18.10
C ALA E 166 9.56 0.69 -18.36
N GLY E 167 8.87 1.83 -18.46
CA GLY E 167 7.51 1.89 -18.95
C GLY E 167 6.45 2.22 -17.91
N LYS E 168 6.73 2.03 -16.63
CA LYS E 168 5.72 2.13 -15.60
C LYS E 168 5.90 3.39 -14.75
N ILE E 169 4.85 3.75 -14.03
CA ILE E 169 4.80 4.91 -13.15
C ILE E 169 4.31 4.47 -11.78
N TYR E 170 5.03 4.90 -10.73
CA TYR E 170 4.70 4.55 -9.35
C TYR E 170 4.48 5.83 -8.55
N LEU E 171 3.41 5.86 -7.77
CA LEU E 171 3.09 6.97 -6.88
C LEU E 171 3.28 6.51 -5.44
N ALA E 172 4.22 7.13 -4.74
CA ALA E 172 4.71 6.64 -3.47
C ALA E 172 4.39 7.63 -2.35
N GLU E 173 3.74 7.13 -1.30
CA GLU E 173 3.50 7.92 -0.10
C GLU E 173 4.82 8.29 0.56
N THR E 174 5.03 9.59 0.76
CA THR E 174 6.22 10.04 1.47
C THR E 174 5.80 10.92 2.65
N PRO E 175 6.63 10.98 3.70
CA PRO E 175 6.27 11.82 4.87
C PRO E 175 6.32 13.30 4.56
N TYR E 176 5.86 14.14 5.49
CA TYR E 176 5.90 15.58 5.29
C TYR E 176 7.06 16.20 6.06
N PHE E 177 7.71 17.17 5.43
CA PHE E 177 8.77 17.94 6.06
C PHE E 177 8.57 19.42 5.73
N ASN E 178 8.50 20.25 6.77
CA ASN E 178 8.38 21.69 6.60
C ASN E 178 9.71 22.33 6.24
N ILE E 179 10.47 21.70 5.34
CA ILE E 179 11.80 22.18 4.96
C ILE E 179 11.90 22.22 3.45
N SER E 180 12.45 23.32 2.95
CA SER E 180 12.77 23.45 1.54
C SER E 180 13.97 24.37 1.41
N ALA E 181 14.68 24.26 0.29
CA ALA E 181 15.85 25.10 0.06
C ALA E 181 15.49 26.58 0.11
N THR E 182 14.26 26.93 -0.31
CA THR E 182 13.83 28.32 -0.25
C THR E 182 13.61 28.77 1.19
N ILE E 183 12.99 27.91 2.02
CA ILE E 183 12.79 28.23 3.43
C ILE E 183 14.13 28.54 4.09
N ILE E 184 15.10 27.64 3.91
CA ILE E 184 16.34 27.69 4.67
C ILE E 184 17.12 28.98 4.39
N ARG E 185 17.14 29.43 3.13
CA ARG E 185 17.85 30.65 2.79
C ARG E 185 17.33 31.84 3.61
N GLU E 186 16.01 31.91 3.80
CA GLU E 186 15.44 32.95 4.65
C GLU E 186 15.75 32.70 6.11
N ARG E 187 15.69 31.44 6.55
CA ARG E 187 15.99 31.12 7.94
C ARG E 187 17.43 31.46 8.29
N LEU E 188 18.31 31.43 7.29
CA LEU E 188 19.72 31.75 7.54
C LEU E 188 19.98 33.25 7.51
N GLN E 189 19.41 33.96 6.55
CA GLN E 189 19.64 35.41 6.48
C GLN E 189 18.97 36.12 7.65
N ASN E 190 17.80 35.64 8.08
CA ASN E 190 17.17 36.16 9.29
C ASN E 190 17.78 35.57 10.56
N GLY E 191 18.58 34.51 10.43
CA GLY E 191 19.36 34.01 11.54
C GLY E 191 18.71 32.96 12.39
N GLU E 192 17.62 32.34 11.94
CA GLU E 192 17.01 31.26 12.71
C GLU E 192 17.73 29.94 12.41
N SER E 193 17.83 29.10 13.44
CA SER E 193 18.62 27.88 13.40
C SER E 193 18.14 26.89 12.34
N CYS E 194 18.89 25.79 12.16
CA CYS E 194 18.54 24.82 11.13
C CYS E 194 19.02 23.40 11.43
N GLU E 195 19.44 23.07 12.65
CA GLU E 195 20.06 21.78 12.91
C GLU E 195 19.10 20.59 12.74
N ASP E 196 17.85 20.84 12.37
CA ASP E 196 16.91 19.77 12.06
C ASP E 196 16.46 19.77 10.60
N LEU E 197 16.83 20.79 9.83
CA LEU E 197 16.52 20.85 8.41
C LEU E 197 17.69 20.46 7.52
N LEU E 198 18.89 20.38 8.10
CA LEU E 198 20.12 20.36 7.34
C LEU E 198 21.13 19.41 8.00
N PRO E 199 21.79 18.56 7.23
CA PRO E 199 22.88 17.75 7.81
C PRO E 199 23.94 18.63 8.45
N GLU E 200 24.54 18.12 9.52
CA GLU E 200 25.50 18.87 10.32
C GLU E 200 26.77 19.22 9.55
N PRO E 201 27.36 18.31 8.77
CA PRO E 201 28.48 18.73 7.91
C PRO E 201 28.09 19.80 6.90
N VAL E 202 26.89 19.69 6.31
CA VAL E 202 26.45 20.68 5.33
C VAL E 202 26.19 22.02 6.01
N LEU E 203 25.63 22.00 7.22
CA LEU E 203 25.40 23.23 7.96
C LEU E 203 26.72 23.90 8.34
N THR E 204 27.73 23.10 8.67
CA THR E 204 29.05 23.67 8.95
C THR E 204 29.68 24.25 7.70
N TYR E 205 29.56 23.55 6.57
CA TYR E 205 30.13 24.03 5.31
C TYR E 205 29.50 25.37 4.90
N ILE E 206 28.18 25.50 5.10
CA ILE E 206 27.50 26.73 4.73
C ILE E 206 28.01 27.90 5.58
N ASN E 207 28.16 27.68 6.88
CA ASN E 207 28.64 28.76 7.74
C ASN E 207 30.10 29.08 7.47
N GLN E 208 30.90 28.10 7.06
CA GLN E 208 32.29 28.35 6.70
C GLN E 208 32.37 29.27 5.49
N GLN E 209 31.62 28.96 4.44
CA GLN E 209 31.72 29.65 3.17
C GLN E 209 31.04 31.01 3.16
N GLY E 210 30.23 31.31 4.17
CA GLY E 210 29.44 32.52 4.13
C GLY E 210 28.24 32.43 3.22
N LEU E 211 27.72 31.23 3.00
CA LEU E 211 26.57 31.05 2.13
C LEU E 211 25.30 31.57 2.78
N TYR E 212 24.41 32.12 1.95
CA TYR E 212 23.06 32.50 2.35
C TYR E 212 23.09 33.56 3.45
N ARG E 213 23.87 34.61 3.23
CA ARG E 213 24.03 35.67 4.20
C ARG E 213 23.85 37.03 3.55
N MET F 1 -34.30 23.29 46.84
CA MET F 1 -33.74 22.81 45.58
C MET F 1 -34.70 21.84 44.89
N LYS F 2 -34.21 21.12 43.89
CA LYS F 2 -35.00 20.19 43.11
C LYS F 2 -34.74 18.75 43.54
N SER F 3 -35.57 17.86 43.02
CA SER F 3 -35.56 16.47 43.48
C SER F 3 -34.37 15.70 42.92
N LEU F 4 -33.88 14.76 43.73
CA LEU F 4 -32.79 13.87 43.31
C LEU F 4 -33.31 12.89 42.27
N GLN F 5 -32.54 12.71 41.20
CA GLN F 5 -32.90 11.83 40.10
C GLN F 5 -31.82 10.78 39.91
N ALA F 6 -32.24 9.51 39.87
CA ALA F 6 -31.32 8.38 39.77
C ALA F 6 -31.44 7.76 38.40
N LEU F 7 -30.29 7.46 37.79
CA LEU F 7 -30.22 6.83 36.48
C LEU F 7 -29.77 5.38 36.65
N PHE F 8 -30.48 4.46 35.99
CA PHE F 8 -30.22 3.03 36.12
C PHE F 8 -30.29 2.41 34.73
N GLY F 9 -29.14 2.02 34.20
CA GLY F 9 -29.03 1.53 32.85
C GLY F 9 -28.84 0.03 32.76
N GLY F 10 -28.63 -0.42 31.53
CA GLY F 10 -28.41 -1.83 31.26
C GLY F 10 -28.92 -2.20 29.88
N THR F 11 -28.68 -3.46 29.52
CA THR F 11 -29.16 -3.99 28.24
C THR F 11 -30.63 -4.36 28.31
N PHE F 12 -31.04 -5.07 29.37
CA PHE F 12 -32.43 -5.47 29.58
C PHE F 12 -32.90 -6.43 28.47
N ASP F 13 -32.40 -7.65 28.55
CA ASP F 13 -32.70 -8.71 27.59
C ASP F 13 -33.12 -9.98 28.33
N PRO F 14 -34.32 -9.97 28.95
CA PRO F 14 -35.28 -8.88 29.03
C PRO F 14 -35.10 -8.05 30.30
N VAL F 15 -35.97 -7.07 30.51
CA VAL F 15 -36.14 -6.52 31.85
C VAL F 15 -36.84 -7.57 32.70
N HIS F 16 -36.49 -7.64 33.98
CA HIS F 16 -37.11 -8.62 34.86
C HIS F 16 -37.19 -8.09 36.28
N TYR F 17 -37.82 -8.89 37.15
CA TYR F 17 -38.13 -8.45 38.50
C TYR F 17 -36.88 -8.05 39.30
N GLY F 18 -35.73 -8.64 38.97
CA GLY F 18 -34.51 -8.28 39.67
C GLY F 18 -34.15 -6.82 39.47
N HIS F 19 -34.20 -6.37 38.21
CA HIS F 19 -34.03 -4.95 37.92
C HIS F 19 -35.01 -4.11 38.71
N LEU F 20 -36.29 -4.49 38.65
CA LEU F 20 -37.36 -3.64 39.18
C LEU F 20 -37.36 -3.63 40.71
N LYS F 21 -37.54 -4.80 41.33
CA LYS F 21 -37.69 -4.87 42.78
C LYS F 21 -36.46 -4.32 43.50
N LYS F 22 -35.26 -4.65 43.00
CA LYS F 22 -34.03 -4.17 43.63
C LYS F 22 -34.01 -2.65 43.71
N VAL F 23 -34.41 -1.98 42.63
CA VAL F 23 -34.28 -0.52 42.57
C VAL F 23 -35.35 0.16 43.40
N GLU F 24 -36.59 -0.34 43.37
CA GLU F 24 -37.64 0.27 44.17
C GLU F 24 -37.50 -0.05 45.65
N THR F 25 -36.84 -1.17 46.00
CA THR F 25 -36.48 -1.41 47.39
C THR F 25 -35.47 -0.39 47.87
N LEU F 26 -34.44 -0.12 47.05
CA LEU F 26 -33.51 0.96 47.30
C LEU F 26 -34.25 2.27 47.54
N ALA F 27 -35.16 2.62 46.62
CA ALA F 27 -35.90 3.87 46.69
C ALA F 27 -36.59 4.05 48.03
N ASN F 28 -36.90 2.95 48.72
CA ASN F 28 -37.56 3.05 50.02
C ASN F 28 -36.60 3.56 51.09
N LEU F 29 -35.40 2.98 51.17
CA LEU F 29 -34.46 3.32 52.22
C LEU F 29 -33.58 4.52 51.89
N ILE F 30 -33.75 5.11 50.69
CA ILE F 30 -33.00 6.29 50.32
C ILE F 30 -33.89 7.50 50.08
N GLY F 31 -35.19 7.32 49.82
CA GLY F 31 -36.03 8.47 49.51
C GLY F 31 -36.06 8.79 48.05
N LEU F 32 -35.67 7.86 47.19
CA LEU F 32 -35.74 8.08 45.76
C LEU F 32 -37.20 8.25 45.33
N THR F 33 -37.49 9.38 44.72
CA THR F 33 -38.82 9.66 44.19
C THR F 33 -38.92 9.39 42.70
N ARG F 34 -37.81 9.50 41.97
CA ARG F 34 -37.83 9.37 40.52
C ARG F 34 -36.57 8.64 40.06
N VAL F 35 -36.76 7.58 39.30
CA VAL F 35 -35.68 6.81 38.69
C VAL F 35 -35.92 6.79 37.19
N THR F 36 -34.87 7.06 36.42
CA THR F 36 -34.95 7.03 34.96
C THR F 36 -34.12 5.87 34.43
N ILE F 37 -34.75 5.02 33.62
CA ILE F 37 -34.08 3.86 33.02
C ILE F 37 -33.46 4.30 31.70
N ILE F 38 -32.20 3.91 31.49
CA ILE F 38 -31.45 4.25 30.29
C ILE F 38 -30.98 2.96 29.63
N PRO F 39 -31.78 2.34 28.78
CA PRO F 39 -31.36 1.10 28.12
C PRO F 39 -30.26 1.38 27.10
N ASN F 40 -29.23 0.55 27.14
CA ASN F 40 -28.04 0.74 26.32
C ASN F 40 -28.11 -0.11 25.05
N ASN F 41 -27.17 0.16 24.16
CA ASN F 41 -26.91 -0.67 23.00
C ASN F 41 -25.53 -1.28 23.15
N VAL F 42 -25.45 -2.59 23.01
CA VAL F 42 -24.20 -3.30 23.28
C VAL F 42 -23.20 -2.98 22.18
N PRO F 43 -21.98 -2.58 22.51
CA PRO F 43 -20.95 -2.36 21.49
C PRO F 43 -20.70 -3.64 20.69
N PRO F 44 -20.40 -3.51 19.39
CA PRO F 44 -20.33 -4.70 18.53
C PRO F 44 -19.25 -5.71 18.91
N HIS F 45 -18.25 -5.31 19.70
CA HIS F 45 -17.22 -6.24 20.15
C HIS F 45 -17.62 -6.99 21.43
N ARG F 46 -18.90 -6.92 21.81
CA ARG F 46 -19.44 -7.67 22.93
C ARG F 46 -20.63 -8.50 22.46
N PRO F 47 -20.91 -9.61 23.12
CA PRO F 47 -22.05 -10.44 22.74
C PRO F 47 -23.32 -9.62 22.56
N GLN F 48 -23.97 -9.78 21.39
CA GLN F 48 -25.12 -8.94 21.09
C GLN F 48 -26.40 -9.55 21.67
N PRO F 49 -27.37 -8.70 22.01
CA PRO F 49 -28.60 -9.22 22.63
C PRO F 49 -29.42 -10.06 21.67
N GLU F 50 -30.25 -10.92 22.25
CA GLU F 50 -31.20 -11.70 21.46
C GLU F 50 -32.33 -10.81 20.94
N ALA F 51 -32.87 -9.95 21.81
CA ALA F 51 -33.94 -9.03 21.44
C ALA F 51 -33.37 -7.71 20.94
N ASN F 52 -33.99 -7.18 19.89
CA ASN F 52 -33.45 -6.02 19.20
C ASN F 52 -33.73 -4.73 19.98
N SER F 53 -33.35 -3.60 19.38
CA SER F 53 -33.45 -2.31 20.05
C SER F 53 -34.90 -1.98 20.37
N VAL F 54 -35.83 -2.31 19.46
CA VAL F 54 -37.23 -1.96 19.67
C VAL F 54 -37.87 -2.91 20.68
N GLN F 55 -37.62 -4.22 20.53
CA GLN F 55 -38.24 -5.19 21.43
C GLN F 55 -37.85 -4.94 22.88
N ARG F 56 -36.56 -4.69 23.13
CA ARG F 56 -36.13 -4.37 24.49
C ARG F 56 -36.79 -3.11 25.02
N LYS F 57 -37.08 -2.15 24.13
CA LYS F 57 -37.83 -0.96 24.54
C LYS F 57 -39.25 -1.34 24.97
N HIS F 58 -39.95 -2.09 24.11
CA HIS F 58 -41.34 -2.46 24.41
C HIS F 58 -41.44 -3.26 25.70
N MET F 59 -40.55 -4.26 25.87
CA MET F 59 -40.57 -5.05 27.09
C MET F 59 -40.35 -4.17 28.31
N LEU F 60 -39.42 -3.22 28.23
CA LEU F 60 -39.28 -2.23 29.30
C LEU F 60 -40.58 -1.47 29.52
N GLU F 61 -41.13 -0.88 28.45
CA GLU F 61 -42.32 -0.06 28.56
C GLU F 61 -43.49 -0.79 29.21
N LEU F 62 -43.61 -2.11 29.01
CA LEU F 62 -44.74 -2.86 29.55
C LEU F 62 -44.62 -3.14 31.04
N ALA F 63 -43.42 -3.11 31.60
CA ALA F 63 -43.23 -3.30 33.03
C ALA F 63 -43.11 -1.99 33.81
N ILE F 64 -42.76 -0.91 33.12
CA ILE F 64 -42.45 0.38 33.74
C ILE F 64 -43.67 1.31 33.78
N ALA F 65 -44.66 1.11 32.90
CA ALA F 65 -45.82 1.98 32.79
C ALA F 65 -46.79 1.83 33.97
N ASP F 66 -46.68 0.76 34.76
CA ASP F 66 -47.47 0.60 35.96
C ASP F 66 -46.77 1.14 37.20
N LYS F 67 -45.58 1.72 37.04
CA LYS F 67 -44.75 2.14 38.16
C LYS F 67 -44.38 3.60 37.99
N PRO F 68 -44.95 4.50 38.82
CA PRO F 68 -44.63 5.94 38.67
C PRO F 68 -43.20 6.28 39.06
N LEU F 69 -42.53 5.40 39.82
CA LEU F 69 -41.14 5.65 40.20
C LEU F 69 -40.25 5.75 38.97
N PHE F 70 -40.35 4.78 38.07
CA PHE F 70 -39.51 4.76 36.89
C PHE F 70 -40.12 5.60 35.76
N THR F 71 -39.21 6.17 34.97
CA THR F 71 -39.52 6.72 33.65
C THR F 71 -38.39 6.28 32.71
N LEU F 72 -38.65 6.32 31.40
CA LEU F 72 -37.77 5.73 30.42
C LEU F 72 -37.21 6.78 29.46
N ASP F 73 -35.92 6.62 29.13
CA ASP F 73 -35.18 7.54 28.27
C ASP F 73 -34.38 6.71 27.28
N GLU F 74 -34.63 6.90 25.99
CA GLU F 74 -33.99 6.10 24.94
C GLU F 74 -32.93 6.90 24.20
N ARG F 75 -32.01 7.51 24.94
CA ARG F 75 -30.84 8.13 24.32
C ARG F 75 -30.03 7.09 23.57
N GLU F 76 -29.59 6.05 24.28
CA GLU F 76 -28.60 5.14 23.76
C GLU F 76 -29.15 4.21 22.70
N LEU F 77 -30.47 4.07 22.61
CA LEU F 77 -31.05 3.31 21.51
C LEU F 77 -31.12 4.15 20.23
N LYS F 78 -31.48 5.42 20.36
CA LYS F 78 -31.56 6.33 19.21
C LYS F 78 -30.22 6.96 18.88
N ARG F 79 -29.14 6.48 19.49
CA ARG F 79 -27.80 7.00 19.27
C ARG F 79 -27.06 6.10 18.29
N ASN F 80 -26.28 6.73 17.41
CA ASN F 80 -25.53 5.96 16.41
C ASN F 80 -24.42 5.15 17.06
N ALA F 81 -23.66 5.77 17.97
CA ALA F 81 -22.54 5.10 18.61
C ALA F 81 -23.04 4.11 19.65
N PRO F 82 -22.17 3.19 20.09
CA PRO F 82 -22.53 2.38 21.26
C PRO F 82 -22.56 3.24 22.51
N SER F 83 -23.37 2.80 23.48
CA SER F 83 -23.54 3.56 24.72
C SER F 83 -22.22 3.65 25.48
N VAL F 84 -21.85 4.87 25.84
CA VAL F 84 -20.72 5.12 26.73
C VAL F 84 -21.27 5.84 27.96
N THR F 85 -21.03 5.26 29.13
CA THR F 85 -21.80 5.62 30.32
C THR F 85 -21.55 7.06 30.77
N ALA F 86 -20.28 7.49 30.78
CA ALA F 86 -19.97 8.85 31.20
C ALA F 86 -20.37 9.89 30.17
N GLN F 87 -20.67 9.48 28.93
CA GLN F 87 -21.21 10.42 27.95
C GLN F 87 -22.65 10.82 28.25
N THR F 88 -23.45 9.89 28.76
CA THR F 88 -24.84 10.17 29.12
C THR F 88 -24.96 11.02 30.37
N LEU F 89 -24.05 10.85 31.33
CA LEU F 89 -24.15 11.60 32.60
C LEU F 89 -23.85 13.07 32.40
N LYS F 90 -22.96 13.43 31.47
CA LYS F 90 -22.69 14.84 31.23
C LYS F 90 -23.75 15.47 30.34
N GLU F 91 -24.43 14.67 29.51
CA GLU F 91 -25.59 15.17 28.80
C GLU F 91 -26.72 15.48 29.78
N TRP F 92 -26.88 14.63 30.80
CA TRP F 92 -27.89 14.89 31.83
C TRP F 92 -27.55 16.14 32.63
N ARG F 93 -26.26 16.34 32.95
CA ARG F 93 -25.85 17.51 33.71
C ARG F 93 -26.12 18.80 32.93
N GLN F 94 -25.85 18.79 31.62
CA GLN F 94 -26.04 19.98 30.80
C GLN F 94 -27.50 20.41 30.77
N GLU F 95 -28.40 19.47 30.54
CA GLU F 95 -29.82 19.81 30.43
C GLU F 95 -30.44 20.15 31.78
N GLN F 96 -29.96 19.53 32.85
CA GLN F 96 -30.62 19.65 34.14
C GLN F 96 -30.05 20.76 35.03
N GLY F 97 -28.79 21.14 34.81
CA GLY F 97 -28.20 22.24 35.55
C GLY F 97 -27.05 21.81 36.45
N PRO F 98 -26.35 22.78 37.04
CA PRO F 98 -25.20 22.48 37.90
C PRO F 98 -25.53 22.18 39.35
N ASP F 99 -26.76 22.42 39.80
CA ASP F 99 -27.09 22.41 41.22
C ASP F 99 -28.04 21.31 41.64
N VAL F 100 -28.40 20.40 40.76
CA VAL F 100 -29.39 19.37 41.09
C VAL F 100 -28.69 18.04 41.40
N PRO F 101 -29.23 17.24 42.31
CA PRO F 101 -28.57 15.96 42.64
C PRO F 101 -28.83 14.90 41.58
N LEU F 102 -27.79 14.14 41.25
CA LEU F 102 -27.86 13.06 40.28
C LEU F 102 -27.17 11.83 40.85
N ALA F 103 -27.72 10.66 40.54
CA ALA F 103 -27.18 9.39 41.00
C ALA F 103 -27.30 8.35 39.90
N PHE F 104 -26.32 7.44 39.84
CA PHE F 104 -26.27 6.39 38.83
C PHE F 104 -26.14 5.05 39.53
N ILE F 105 -27.05 4.12 39.22
CA ILE F 105 -27.10 2.81 39.85
C ILE F 105 -26.26 1.84 39.05
N ILE F 106 -25.53 0.97 39.77
CA ILE F 106 -24.69 -0.05 39.14
C ILE F 106 -24.60 -1.23 40.09
N GLY F 107 -24.36 -2.40 39.51
CA GLY F 107 -24.13 -3.58 40.31
C GLY F 107 -22.71 -3.64 40.84
N GLN F 108 -22.52 -4.51 41.84
CA GLN F 108 -21.20 -4.64 42.44
C GLN F 108 -20.19 -5.25 41.47
N ASP F 109 -20.55 -6.38 40.85
CA ASP F 109 -19.62 -7.07 39.97
C ASP F 109 -19.34 -6.28 38.70
N SER F 110 -20.29 -5.46 38.25
CA SER F 110 -20.02 -4.58 37.12
C SER F 110 -19.04 -3.48 37.50
N LEU F 111 -19.05 -3.04 38.76
CA LEU F 111 -18.07 -2.10 39.27
C LEU F 111 -16.68 -2.70 39.37
N LEU F 112 -16.56 -4.03 39.30
CA LEU F 112 -15.29 -4.75 39.30
C LEU F 112 -14.56 -4.59 37.94
N THR F 113 -14.91 -3.66 37.06
CA THR F 113 -14.25 -3.45 35.78
C THR F 113 -14.44 -2.00 35.33
N TYR F 120 -15.43 5.19 35.13
CA TYR F 120 -15.21 5.14 36.57
C TYR F 120 -14.64 6.45 37.08
N GLU F 121 -13.86 7.12 36.23
CA GLU F 121 -13.34 8.44 36.56
C GLU F 121 -14.39 9.53 36.39
N THR F 122 -14.95 9.66 35.18
CA THR F 122 -15.74 10.81 34.80
C THR F 122 -17.06 10.93 35.56
N ILE F 123 -17.43 9.93 36.36
CA ILE F 123 -18.77 9.91 36.95
C ILE F 123 -18.90 10.97 38.05
N LEU F 124 -18.03 10.91 39.06
CA LEU F 124 -18.20 11.77 40.23
C LEU F 124 -18.05 13.25 39.90
N ASP F 125 -17.58 13.60 38.70
CA ASP F 125 -17.66 14.97 38.24
C ASP F 125 -19.10 15.46 38.17
N ASN F 126 -20.01 14.56 37.77
CA ASN F 126 -21.37 14.95 37.41
C ASN F 126 -22.46 14.32 38.26
N ALA F 127 -22.22 13.16 38.87
CA ALA F 127 -23.26 12.48 39.62
C ALA F 127 -22.64 11.65 40.74
N HIS F 128 -23.43 11.42 41.78
CA HIS F 128 -23.09 10.37 42.73
C HIS F 128 -23.16 9.01 42.03
N LEU F 129 -22.76 7.96 42.75
CA LEU F 129 -22.92 6.62 42.22
C LEU F 129 -23.34 5.68 43.34
N ILE F 130 -24.40 4.91 43.09
CA ILE F 130 -25.02 4.03 44.07
C ILE F 130 -24.76 2.59 43.62
N VAL F 131 -24.00 1.85 44.42
CA VAL F 131 -23.58 0.51 44.06
C VAL F 131 -24.48 -0.49 44.77
N LEU F 132 -25.27 -1.23 44.00
CA LEU F 132 -26.05 -2.31 44.58
C LEU F 132 -25.13 -3.42 45.07
N ARG F 133 -25.18 -3.66 46.37
CA ARG F 133 -24.27 -4.59 47.03
C ARG F 133 -24.66 -6.03 46.70
N ARG F 134 -23.74 -6.76 46.09
CA ARG F 134 -23.93 -8.18 45.85
C ARG F 134 -23.88 -8.92 47.17
N PRO F 135 -25.00 -9.44 47.67
CA PRO F 135 -25.00 -10.01 49.02
C PRO F 135 -24.18 -11.29 49.08
N GLY F 136 -23.43 -11.43 50.18
CA GLY F 136 -22.58 -12.58 50.38
C GLY F 136 -21.14 -12.40 49.93
N TYR F 137 -20.86 -11.38 49.12
CA TYR F 137 -19.52 -11.12 48.61
C TYR F 137 -18.97 -9.83 49.22
N PRO F 138 -17.65 -9.75 49.41
CA PRO F 138 -17.05 -8.56 50.02
C PRO F 138 -17.00 -7.34 49.10
N LEU F 139 -16.39 -6.25 49.59
CA LEU F 139 -16.32 -4.96 48.91
C LEU F 139 -15.00 -4.76 48.18
N GLU F 140 -14.29 -5.83 47.86
CA GLU F 140 -12.85 -5.74 47.58
C GLU F 140 -12.57 -5.16 46.20
N MET F 141 -11.72 -4.14 46.15
CA MET F 141 -11.22 -3.55 44.92
C MET F 141 -9.84 -4.11 44.61
N ALA F 142 -9.54 -4.24 43.31
CA ALA F 142 -8.35 -4.95 42.86
C ALA F 142 -7.07 -4.15 43.07
N GLN F 143 -6.97 -2.96 42.46
CA GLN F 143 -5.77 -2.13 42.55
C GLN F 143 -5.95 -1.11 43.67
N PRO F 144 -5.16 -1.17 44.73
CA PRO F 144 -5.43 -0.34 45.91
C PRO F 144 -5.28 1.16 45.73
N GLN F 145 -5.39 1.67 44.51
CA GLN F 145 -5.43 3.12 44.32
C GLN F 145 -6.85 3.67 44.16
N TYR F 146 -7.76 2.92 43.55
CA TYR F 146 -9.18 3.26 43.65
C TYR F 146 -9.90 2.43 44.70
N GLN F 147 -9.17 1.62 45.47
CA GLN F 147 -9.70 1.19 46.76
C GLN F 147 -9.64 2.34 47.75
N GLN F 148 -8.58 3.15 47.67
CA GLN F 148 -8.51 4.38 48.45
C GLN F 148 -9.54 5.39 47.96
N TRP F 149 -9.78 5.44 46.65
CA TRP F 149 -10.77 6.35 46.08
C TRP F 149 -12.19 5.98 46.54
N LEU F 150 -12.44 4.70 46.80
CA LEU F 150 -13.74 4.29 47.32
C LEU F 150 -13.94 4.80 48.75
N GLU F 151 -12.95 4.57 49.62
CA GLU F 151 -13.06 4.99 51.01
C GLU F 151 -13.13 6.51 51.15
N ASP F 152 -12.47 7.24 50.24
CA ASP F 152 -12.46 8.70 50.35
C ASP F 152 -13.86 9.28 50.16
N HIS F 153 -14.64 8.71 49.24
CA HIS F 153 -15.94 9.26 48.88
C HIS F 153 -17.11 8.44 49.39
N LEU F 154 -16.83 7.32 50.05
CA LEU F 154 -17.89 6.51 50.65
C LEU F 154 -18.67 7.36 51.65
N THR F 155 -19.97 7.09 51.75
CA THR F 155 -20.83 7.73 52.73
C THR F 155 -21.91 6.75 53.17
N HIS F 156 -22.42 6.99 54.37
CA HIS F 156 -23.56 6.27 54.92
C HIS F 156 -24.76 7.17 55.14
N ASN F 157 -24.63 8.47 54.90
CA ASN F 157 -25.73 9.40 55.11
C ASN F 157 -26.39 9.70 53.77
N PRO F 158 -27.59 9.17 53.49
CA PRO F 158 -28.26 9.52 52.24
C PRO F 158 -28.53 11.01 52.06
N GLU F 159 -28.50 11.80 53.14
CA GLU F 159 -28.57 13.25 53.02
C GLU F 159 -27.54 13.76 52.02
N ASP F 160 -26.34 13.16 52.03
CA ASP F 160 -25.29 13.55 51.09
C ASP F 160 -25.78 13.47 49.65
N LEU F 161 -26.50 12.40 49.31
CA LEU F 161 -26.99 12.25 47.94
C LEU F 161 -28.07 13.26 47.61
N HIS F 162 -28.87 13.67 48.59
CA HIS F 162 -29.97 14.59 48.35
C HIS F 162 -29.60 16.06 48.49
N LEU F 163 -28.50 16.37 49.17
CA LEU F 163 -28.10 17.75 49.42
C LEU F 163 -26.89 18.19 48.61
N GLN F 164 -26.27 17.28 47.85
CA GLN F 164 -25.10 17.60 47.09
C GLN F 164 -25.32 17.23 45.63
N PRO F 165 -24.77 18.01 44.69
CA PRO F 165 -24.91 17.64 43.27
C PRO F 165 -24.31 16.29 42.94
N ALA F 166 -23.12 16.00 43.46
CA ALA F 166 -22.39 14.78 43.13
C ALA F 166 -21.29 14.57 44.16
N GLY F 167 -20.61 13.42 44.06
CA GLY F 167 -19.32 13.21 44.71
C GLY F 167 -19.24 11.96 45.56
N LYS F 168 -20.36 11.52 46.12
CA LYS F 168 -20.36 10.49 47.15
C LYS F 168 -20.76 9.13 46.58
N ILE F 169 -20.42 8.09 47.34
CA ILE F 169 -20.75 6.70 47.00
C ILE F 169 -21.57 6.11 48.12
N TYR F 170 -22.70 5.48 47.76
CA TYR F 170 -23.53 4.73 48.69
C TYR F 170 -23.45 3.26 48.32
N LEU F 171 -23.24 2.40 49.32
CA LEU F 171 -23.24 0.95 49.14
C LEU F 171 -24.54 0.42 49.74
N ALA F 172 -25.40 -0.15 48.89
CA ALA F 172 -26.77 -0.45 49.25
C ALA F 172 -27.01 -1.95 49.31
N GLU F 173 -27.44 -2.43 50.47
CA GLU F 173 -27.95 -3.79 50.58
C GLU F 173 -29.22 -3.92 49.75
N THR F 174 -29.34 -5.04 49.05
CA THR F 174 -30.51 -5.35 48.25
C THR F 174 -30.91 -6.79 48.51
N PRO F 175 -32.17 -7.15 48.26
CA PRO F 175 -32.57 -8.55 48.40
C PRO F 175 -31.92 -9.41 47.33
N TYR F 176 -32.01 -10.73 47.53
CA TYR F 176 -31.43 -11.69 46.61
C TYR F 176 -32.52 -12.30 45.75
N PHE F 177 -32.32 -12.29 44.44
CA PHE F 177 -33.21 -12.90 43.48
C PHE F 177 -32.43 -13.87 42.62
N ASN F 178 -32.77 -15.16 42.70
CA ASN F 178 -32.16 -16.15 41.83
C ASN F 178 -32.67 -15.97 40.41
N ILE F 179 -32.55 -14.76 39.88
CA ILE F 179 -32.99 -14.43 38.53
C ILE F 179 -31.95 -13.55 37.88
N SER F 180 -31.70 -13.80 36.60
CA SER F 180 -30.90 -12.93 35.75
C SER F 180 -31.41 -13.12 34.33
N ALA F 181 -31.03 -12.18 33.46
CA ALA F 181 -31.42 -12.28 32.06
C ALA F 181 -30.96 -13.58 31.43
N THR F 182 -29.83 -14.13 31.91
CA THR F 182 -29.33 -15.40 31.40
C THR F 182 -30.13 -16.57 31.96
N ILE F 183 -30.49 -16.51 33.24
CA ILE F 183 -31.32 -17.56 33.84
C ILE F 183 -32.62 -17.70 33.08
N ILE F 184 -33.22 -16.57 32.69
CA ILE F 184 -34.54 -16.59 32.07
C ILE F 184 -34.47 -17.20 30.68
N ARG F 185 -33.44 -16.86 29.90
CA ARG F 185 -33.33 -17.39 28.54
C ARG F 185 -33.20 -18.91 28.52
N GLU F 186 -32.69 -19.52 29.59
CA GLU F 186 -32.54 -20.98 29.63
C GLU F 186 -33.82 -21.68 30.06
N ARG F 187 -34.44 -21.22 31.14
CA ARG F 187 -35.71 -21.82 31.56
C ARG F 187 -36.76 -21.70 30.48
N LEU F 188 -36.73 -20.62 29.69
CA LEU F 188 -37.59 -20.51 28.53
C LEU F 188 -37.22 -21.56 27.48
N GLN F 189 -35.96 -21.53 27.02
CA GLN F 189 -35.55 -22.43 25.94
C GLN F 189 -35.63 -23.90 26.34
N ASN F 190 -35.40 -24.19 27.63
CA ASN F 190 -35.60 -25.55 28.12
C ASN F 190 -37.06 -25.89 28.36
N GLY F 191 -37.94 -24.89 28.39
CA GLY F 191 -39.36 -25.12 28.51
C GLY F 191 -39.89 -25.25 29.92
N GLU F 192 -39.13 -24.87 30.93
CA GLU F 192 -39.64 -24.83 32.29
C GLU F 192 -40.21 -23.45 32.60
N SER F 193 -41.11 -23.41 33.58
CA SER F 193 -41.92 -22.21 33.84
C SER F 193 -41.04 -21.00 34.16
N CYS F 194 -41.65 -19.82 34.07
CA CYS F 194 -40.94 -18.57 34.27
C CYS F 194 -41.87 -17.43 34.67
N GLU F 195 -42.97 -17.74 35.35
CA GLU F 195 -43.93 -16.70 35.72
C GLU F 195 -43.54 -15.93 36.98
N ASP F 196 -42.47 -16.34 37.67
CA ASP F 196 -42.06 -15.72 38.91
C ASP F 196 -40.85 -14.79 38.76
N LEU F 197 -40.17 -14.81 37.63
CA LEU F 197 -38.99 -13.99 37.41
C LEU F 197 -39.26 -12.79 36.52
N LEU F 198 -40.46 -12.70 35.94
CA LEU F 198 -40.77 -11.79 34.85
C LEU F 198 -42.16 -11.18 35.04
N PRO F 199 -42.32 -9.90 34.74
CA PRO F 199 -43.67 -9.31 34.73
C PRO F 199 -44.52 -9.97 33.66
N GLU F 200 -45.82 -10.08 33.94
CA GLU F 200 -46.74 -10.79 33.07
C GLU F 200 -46.91 -10.09 31.72
N PRO F 201 -47.04 -8.76 31.67
CA PRO F 201 -46.95 -8.09 30.35
C PRO F 201 -45.65 -8.40 29.60
N VAL F 202 -44.53 -8.52 30.32
CA VAL F 202 -43.24 -8.75 29.66
C VAL F 202 -43.14 -10.18 29.15
N LEU F 203 -43.52 -11.15 29.99
CA LEU F 203 -43.48 -12.56 29.56
C LEU F 203 -44.44 -12.81 28.41
N THR F 204 -45.56 -12.10 28.35
CA THR F 204 -46.52 -12.28 27.27
C THR F 204 -45.96 -11.78 25.94
N TYR F 205 -45.30 -10.62 25.95
CA TYR F 205 -44.65 -10.12 24.74
C TYR F 205 -43.59 -11.09 24.23
N ILE F 206 -42.91 -11.79 25.14
CA ILE F 206 -41.87 -12.73 24.76
C ILE F 206 -42.48 -13.92 24.01
N ASN F 207 -43.58 -14.46 24.54
CA ASN F 207 -44.19 -15.62 23.89
C ASN F 207 -44.91 -15.22 22.61
N GLN F 208 -45.43 -14.00 22.53
CA GLN F 208 -45.99 -13.50 21.28
C GLN F 208 -44.91 -13.30 20.23
N GLN F 209 -43.75 -12.80 20.64
CA GLN F 209 -42.67 -12.51 19.71
C GLN F 209 -41.79 -13.71 19.40
N GLY F 210 -41.82 -14.74 20.24
CA GLY F 210 -40.98 -15.90 20.03
C GLY F 210 -39.58 -15.75 20.57
N LEU F 211 -39.36 -14.80 21.49
CA LEU F 211 -38.03 -14.53 22.00
C LEU F 211 -37.56 -15.65 22.92
N TYR F 212 -36.25 -15.90 22.87
CA TYR F 212 -35.57 -16.87 23.72
C TYR F 212 -36.24 -18.24 23.63
N ARG F 213 -36.40 -18.73 22.41
CA ARG F 213 -37.00 -20.02 22.17
C ARG F 213 -36.10 -20.85 21.27
#